data_7M7B
#
_entry.id   7M7B
#
loop_
_entity.id
_entity.type
_entity.pdbx_description
1 polymer 'Spike glycoprotein'
2 polymer 'Antibody Fab 3D11 heavy chain'
3 polymer 'Antibody Fab 3D11 light chain'
4 non-polymer 2-acetamido-2-deoxy-beta-D-glucopyranose
#
loop_
_entity_poly.entity_id
_entity_poly.type
_entity_poly.pdbx_seq_one_letter_code
_entity_poly.pdbx_strand_id
1 'polypeptide(L)'
;MFVFLVLLPLVSSQCVNLTTRTQLPPAYTNSFTRGVYYPDKVFRSSVLHSTQDLFLPFFSNVTWFHAIHVSGTNGTKRFD
NPVLPFNDGVYFASTEKSNIIRGWIFGTTLDSKTQSLLIVNNATNVVIKVCEFQFCNDPFLGVYYHKNNKSWMESEFRVY
SSANNCTFEYVSQPFLMDLEGKQGNFKNLREFVFKNIDGYFKIYSKHTPINLVRDLPQGFSALEPLVDLPIGINITRFQT
LLALHRSYLTPGDSSSGWTAGAAAYYVGYLQPRTFLLKYNENGTITDAVDCALDPLSETKCTLKSFTVEKGIYQTSNFRV
QPTESIVRFPNITNLCPFGEVFNATRFASVYAWNRKRISNCVADYSVLYNSASFSTFKCYGVSPTKLNDLCFTNVYADSF
VIRGDEVRQIAPGQTGKIADYNYKLPDDFTGCVIAWNSNNLDSKVGGNYNYLYRLFRKSNLKPFERDISTEIYQAGSTPC
NGVEGFNCYFPLQSYGFQPTNGVGYQPYRVVVLSFELLHAPATVCGPKKSTNLVKNKCVNFNFNGLTGTGVLTESNKKFL
PFQQFGRDIADTTDAVRDPQTLEILDITPCSFGGVSVITPGTNTSNQVAVLYQDVNCTEVPVAIHADQLTPTWRVYSTGS
NVFQTRAGCLIGAEHVNNSYECDIPIGAGICASYQTQTNSPGSASSVASQSIIAYTMSLGAENSVAYSNNSIAIPTNFTI
SVTTEILPVSMTKTSVDCTMYICGDSTECSNLLLQYGSFCTQLNRALTGIAVEQDKNTQEVFAQVKQIYKTPPIKDFGGF
NFSQILPDPSKPSKRSFIEDLLFNKVTLADAGFIKQYGDCLGDIAARDLICAQKFNGLTVLPPLLTDEMIAQYTSALLAG
TITSGWTFGAGAALQIPFAMQMAYRFNGIGVTQNVLYENQKLIANQFNSAIGKIQDSLSSTASALGKLQDVVNQNAQALN
TLVKQLSSNFGAISSVLNDILSRLDPPEAEVQIDRLITGRLQSLQTYVTQQLIRAAEIRASANLAATKMSECVLGQSKRV
DFCGKGYHLMSFPQSAPHGVVFLHVTYVPAQEKNFTTAPAICHDGKAHFPREGVFVSNGTHWFVTQRNFYEPQIITTDNT
FVSGNCDVVIGIVNNTVYDPLQPELDSFKEELDKYFKNHTSPDVDLGDISGINASVVNIQKEIDRLNEVAKNLNESLIDL
QELGKYEQ
;
A
2 'polypeptide(L)'
;QVQLQQWGAGLLKPSETLSLTCAVYGGSFSGYYWSWIRQPPGKGLEWIGEINHSGSTNYNPSLKSRVTISVDTSKNQFSL
KLSSVTAADTAVYYCARRWWLRGAFDIWGQGTTVTVSSASTKGPSVFPLAPSSKSTSGGTAALGCLVKDYFPEPVTVSWN
SGALTSGVHTFPAVLQSSGLYSLSSVVTVPSSSLGTQTYICNVNHKPSNTKVDKRVEPKSCDKTHTCPPCPAPEAAGGPS
VFLFPPKPKDTLMISRTPEVTCVVVDVSHEDPEVKFNWYVDGVEVHNAKTKPREEQYNSTYRVVSVLTVLHQDWLNGKEY
KCKVSNKALPAPIEKTISKAKGQPREPQVYTLPPSRDELTKNQVSLTCLVKGFYPSDIAVEWESNGQPENNYKTTPPVLD
SDGSFLLYSKLTVDKSRWQQGNVFSCSVMHEALHNHYTQKSLSLSPGK
;
H
3 'polypeptide(L)'
;NFMLTQPHSVSASPGKTVTIPCTGSSGNIASNYVQWYQQRPGSAPTTVIYEDNQRPSGVPDRFSGSIDSSSNSASLTISG
LKTEDEADYYCQSYDNNIQVFGGGTKLTVLGQPKAAPSVTLFPPSSEELQANKATLVCLISDFYPGAVTVAWKADSSPVK
AGVETTTPSKQSNNKYAASSYLSLTPEQWKSHRSYSCQVTHEGSTVEKTVAPTECS
;
L
#
loop_
_chem_comp.id
_chem_comp.type
_chem_comp.name
_chem_comp.formula
NAG D-saccharide, beta linking 2-acetamido-2-deoxy-beta-D-glucopyranose 'C8 H15 N O6'
#
# COMPACT_ATOMS: atom_id res chain seq x y z
N PHE A 329 12.77 -27.14 -30.96
CA PHE A 329 11.59 -26.53 -31.60
C PHE A 329 11.96 -25.65 -32.79
N PRO A 330 11.07 -25.51 -33.80
CA PRO A 330 11.32 -24.69 -34.99
C PRO A 330 11.37 -23.18 -34.69
N ASN A 331 11.85 -22.39 -35.67
CA ASN A 331 11.98 -20.94 -35.55
C ASN A 331 10.64 -20.27 -35.26
N ILE A 332 10.62 -19.30 -34.33
CA ILE A 332 9.46 -18.44 -34.10
C ILE A 332 9.21 -17.60 -35.36
N THR A 333 8.06 -17.81 -35.98
CA THR A 333 7.66 -17.32 -37.29
C THR A 333 6.14 -17.26 -37.35
N ASN A 334 5.57 -16.53 -38.31
CA ASN A 334 4.11 -16.42 -38.47
C ASN A 334 3.43 -15.91 -37.18
N LEU A 335 3.92 -14.80 -36.64
CA LEU A 335 3.36 -14.14 -35.46
C LEU A 335 1.97 -13.55 -35.75
N CYS A 336 1.06 -13.57 -34.78
CA CYS A 336 -0.32 -13.17 -35.00
C CYS A 336 -0.49 -11.67 -35.30
N PRO A 337 -1.53 -11.26 -36.06
CA PRO A 337 -1.73 -9.88 -36.50
C PRO A 337 -2.17 -8.86 -35.43
N PHE A 338 -1.71 -8.93 -34.17
CA PHE A 338 -2.12 -7.97 -33.15
C PHE A 338 -1.77 -6.52 -33.52
N GLY A 339 -0.71 -6.27 -34.28
CA GLY A 339 -0.40 -4.94 -34.76
C GLY A 339 -1.50 -4.34 -35.64
N GLU A 340 -2.18 -5.14 -36.46
CA GLU A 340 -3.29 -4.67 -37.30
C GLU A 340 -4.52 -4.29 -36.48
N VAL A 341 -4.69 -4.87 -35.30
CA VAL A 341 -5.81 -4.62 -34.38
C VAL A 341 -5.52 -3.42 -33.50
N PHE A 342 -4.42 -3.45 -32.76
CA PHE A 342 -4.08 -2.41 -31.77
C PHE A 342 -3.60 -1.12 -32.43
N ASN A 343 -2.93 -1.19 -33.59
CA ASN A 343 -2.44 -0.03 -34.33
C ASN A 343 -3.21 0.21 -35.64
N ALA A 344 -4.50 -0.12 -35.69
CA ALA A 344 -5.39 0.37 -36.74
C ALA A 344 -5.54 1.90 -36.63
N THR A 345 -5.63 2.62 -37.74
CA THR A 345 -5.79 4.09 -37.70
C THR A 345 -7.21 4.50 -37.29
N ARG A 346 -8.20 3.74 -37.76
CA ARG A 346 -9.63 3.99 -37.61
C ARG A 346 -10.27 2.88 -36.78
N PHE A 347 -10.93 3.22 -35.68
CA PHE A 347 -11.71 2.29 -34.85
C PHE A 347 -13.21 2.41 -35.10
N ALA A 348 -14.00 1.47 -34.60
CA ALA A 348 -15.45 1.47 -34.75
C ALA A 348 -16.19 2.31 -33.71
N SER A 349 -17.42 2.71 -34.02
CA SER A 349 -18.40 3.09 -33.01
C SER A 349 -18.78 1.89 -32.15
N VAL A 350 -19.03 2.07 -30.86
CA VAL A 350 -19.35 0.96 -29.96
C VAL A 350 -20.65 0.25 -30.27
N TYR A 351 -21.64 0.88 -30.90
CA TYR A 351 -22.86 0.18 -31.31
C TYR A 351 -22.63 -0.79 -32.47
N ALA A 352 -21.60 -0.56 -33.28
CA ALA A 352 -21.27 -1.29 -34.49
C ALA A 352 -19.84 -1.84 -34.42
N TRP A 353 -19.46 -2.38 -33.27
CA TRP A 353 -18.11 -2.82 -32.95
C TRP A 353 -17.56 -3.81 -34.00
N ASN A 354 -16.31 -3.66 -34.41
CA ASN A 354 -15.67 -4.60 -35.32
C ASN A 354 -15.25 -5.86 -34.56
N ARG A 355 -15.28 -7.01 -35.23
CA ARG A 355 -14.67 -8.27 -34.79
C ARG A 355 -13.68 -8.74 -35.84
N LYS A 356 -12.43 -9.01 -35.45
CA LYS A 356 -11.45 -9.73 -36.25
C LYS A 356 -11.21 -11.11 -35.66
N ARG A 357 -11.14 -12.13 -36.50
CA ARG A 357 -10.80 -13.50 -36.12
C ARG A 357 -9.32 -13.78 -36.35
N ILE A 358 -8.63 -14.22 -35.31
CA ILE A 358 -7.21 -14.56 -35.28
C ILE A 358 -7.11 -16.09 -35.23
N SER A 359 -6.35 -16.68 -36.16
CA SER A 359 -6.26 -18.13 -36.35
C SER A 359 -4.94 -18.49 -37.02
N ASN A 360 -4.46 -19.73 -36.86
CA ASN A 360 -3.28 -20.27 -37.57
C ASN A 360 -2.01 -19.41 -37.44
N CYS A 361 -1.64 -19.00 -36.23
CA CYS A 361 -0.48 -18.14 -35.98
C CYS A 361 0.08 -18.29 -34.56
N VAL A 362 1.32 -17.87 -34.36
CA VAL A 362 1.99 -17.84 -33.05
C VAL A 362 1.64 -16.55 -32.32
N ALA A 363 0.92 -16.64 -31.20
CA ALA A 363 0.54 -15.48 -30.41
C ALA A 363 1.56 -15.27 -29.30
N ASP A 364 2.47 -14.30 -29.46
CA ASP A 364 3.23 -13.82 -28.31
C ASP A 364 2.44 -12.74 -27.57
N TYR A 365 1.77 -13.11 -26.49
CA TYR A 365 0.98 -12.17 -25.71
C TYR A 365 1.85 -11.21 -24.89
N SER A 366 3.15 -11.48 -24.74
CA SER A 366 4.07 -10.66 -23.95
C SER A 366 4.11 -9.22 -24.45
N VAL A 367 4.04 -9.01 -25.76
CA VAL A 367 4.03 -7.65 -26.35
C VAL A 367 2.79 -6.85 -25.95
N LEU A 368 1.74 -7.51 -25.47
CA LEU A 368 0.59 -6.87 -24.87
C LEU A 368 0.76 -6.76 -23.36
N TYR A 369 0.89 -7.87 -22.65
CA TYR A 369 0.69 -7.83 -21.20
C TYR A 369 1.75 -7.06 -20.43
N ASN A 370 3.00 -6.98 -20.93
CA ASN A 370 4.02 -6.13 -20.32
C ASN A 370 4.33 -4.86 -21.13
N SER A 371 3.37 -4.38 -21.92
CA SER A 371 3.36 -3.00 -22.41
C SER A 371 2.84 -2.03 -21.35
N ALA A 372 3.57 -0.94 -21.13
CA ALA A 372 3.18 0.13 -20.23
C ALA A 372 2.13 1.10 -20.81
N SER A 373 1.80 0.96 -22.10
CA SER A 373 0.92 1.90 -22.82
C SER A 373 -0.53 1.87 -22.35
N PHE A 374 -1.05 0.68 -22.02
CA PHE A 374 -2.46 0.49 -21.67
C PHE A 374 -2.83 1.00 -20.30
N SER A 375 -3.97 1.68 -20.19
CA SER A 375 -4.53 2.19 -18.95
C SER A 375 -5.25 1.10 -18.16
N THR A 376 -6.01 0.28 -18.87
CA THR A 376 -6.65 -0.93 -18.36
C THR A 376 -6.00 -2.12 -19.05
N PHE A 377 -5.59 -3.11 -18.28
CA PHE A 377 -5.25 -4.42 -18.80
C PHE A 377 -5.62 -5.45 -17.76
N LYS A 378 -6.64 -6.26 -18.01
CA LYS A 378 -6.92 -7.42 -17.16
C LYS A 378 -7.65 -8.54 -17.89
N CYS A 379 -7.44 -9.76 -17.43
CA CYS A 379 -7.94 -10.99 -18.01
C CYS A 379 -8.80 -11.79 -17.03
N TYR A 380 -9.78 -12.49 -17.58
CA TYR A 380 -10.78 -13.29 -16.89
C TYR A 380 -10.61 -14.75 -17.29
N GLY A 381 -10.63 -15.67 -16.34
CA GLY A 381 -10.44 -17.10 -16.59
C GLY A 381 -9.02 -17.55 -16.94
N VAL A 382 -8.09 -16.62 -17.18
CA VAL A 382 -6.66 -16.88 -17.39
C VAL A 382 -5.80 -15.83 -16.68
N SER A 383 -4.68 -16.23 -16.09
CA SER A 383 -3.62 -15.31 -15.68
C SER A 383 -2.70 -15.00 -16.86
N PRO A 384 -2.18 -13.79 -17.02
CA PRO A 384 -1.12 -13.51 -17.98
C PRO A 384 0.13 -14.38 -17.79
N THR A 385 0.42 -14.79 -16.55
CA THR A 385 1.45 -15.79 -16.22
C THR A 385 1.22 -17.17 -16.83
N LYS A 386 0.04 -17.45 -17.40
CA LYS A 386 -0.34 -18.71 -18.05
C LYS A 386 -0.79 -18.52 -19.51
N LEU A 387 -0.77 -17.30 -20.04
CA LEU A 387 -0.65 -17.10 -21.48
C LEU A 387 0.75 -17.50 -21.93
N ASN A 388 1.06 -17.47 -23.23
CA ASN A 388 2.33 -17.92 -23.80
C ASN A 388 2.65 -19.42 -23.67
N ASP A 389 1.85 -20.22 -22.94
CA ASP A 389 1.92 -21.69 -22.98
C ASP A 389 0.54 -22.37 -22.90
N LEU A 390 -0.46 -21.70 -23.49
CA LEU A 390 -1.81 -22.18 -23.76
C LEU A 390 -2.08 -22.13 -25.27
N CYS A 391 -2.93 -23.03 -25.75
CA CYS A 391 -3.37 -23.11 -27.15
C CYS A 391 -4.89 -23.05 -27.26
N PHE A 392 -5.40 -22.45 -28.33
CA PHE A 392 -6.83 -22.20 -28.58
C PHE A 392 -7.20 -22.51 -30.03
N THR A 393 -8.47 -22.76 -30.30
CA THR A 393 -8.95 -22.94 -31.67
C THR A 393 -8.90 -21.61 -32.40
N ASN A 394 -9.49 -20.58 -31.83
CA ASN A 394 -9.60 -19.24 -32.36
C ASN A 394 -9.45 -18.21 -31.24
N VAL A 395 -9.07 -17.00 -31.62
CA VAL A 395 -9.15 -15.82 -30.77
C VAL A 395 -9.91 -14.75 -31.55
N TYR A 396 -10.85 -14.06 -30.93
CA TYR A 396 -11.50 -12.90 -31.54
C TYR A 396 -11.04 -11.63 -30.88
N ALA A 397 -10.64 -10.64 -31.66
CA ALA A 397 -10.41 -9.30 -31.19
C ALA A 397 -11.59 -8.41 -31.57
N ASP A 398 -12.31 -7.90 -30.58
CA ASP A 398 -13.43 -6.97 -30.77
C ASP A 398 -12.97 -5.57 -30.40
N SER A 399 -13.26 -4.55 -31.19
CA SER A 399 -12.72 -3.21 -30.93
C SER A 399 -13.66 -2.06 -31.26
N PHE A 400 -13.56 -0.99 -30.48
CA PHE A 400 -14.47 0.16 -30.48
C PHE A 400 -13.91 1.32 -29.65
N VAL A 401 -14.52 2.50 -29.74
CA VAL A 401 -14.23 3.69 -28.90
C VAL A 401 -15.38 4.02 -27.96
N ILE A 402 -15.09 4.33 -26.70
CA ILE A 402 -16.04 4.77 -25.65
C ILE A 402 -15.44 5.88 -24.77
N ARG A 403 -16.24 6.52 -23.92
CA ARG A 403 -15.74 7.42 -22.86
C ARG A 403 -14.85 6.68 -21.88
N GLY A 404 -13.87 7.36 -21.27
CA GLY A 404 -13.01 6.76 -20.24
C GLY A 404 -13.73 6.30 -18.97
N ASP A 405 -14.85 6.93 -18.65
CA ASP A 405 -15.77 6.55 -17.57
C ASP A 405 -16.52 5.24 -17.84
N GLU A 406 -16.78 4.92 -19.10
CA GLU A 406 -17.54 3.73 -19.50
C GLU A 406 -16.68 2.46 -19.60
N VAL A 407 -15.36 2.57 -19.60
CA VAL A 407 -14.46 1.40 -19.65
C VAL A 407 -14.72 0.43 -18.48
N ARG A 408 -15.16 0.99 -17.36
CA ARG A 408 -15.73 0.29 -16.19
C ARG A 408 -16.74 -0.79 -16.55
N GLN A 409 -17.60 -0.56 -17.54
CA GLN A 409 -18.71 -1.43 -17.92
C GLN A 409 -18.28 -2.60 -18.81
N ILE A 410 -17.09 -2.57 -19.39
CA ILE A 410 -16.56 -3.64 -20.24
C ILE A 410 -15.95 -4.72 -19.35
N ALA A 411 -16.80 -5.44 -18.61
CA ALA A 411 -16.40 -6.56 -17.77
C ALA A 411 -17.60 -7.51 -17.53
N PRO A 412 -17.37 -8.76 -17.13
CA PRO A 412 -18.45 -9.72 -16.85
C PRO A 412 -19.39 -9.25 -15.74
N GLY A 413 -20.70 -9.37 -15.94
CA GLY A 413 -21.71 -9.07 -14.92
C GLY A 413 -22.00 -7.59 -14.66
N GLN A 414 -21.47 -6.67 -15.46
CA GLN A 414 -21.71 -5.22 -15.36
C GLN A 414 -23.06 -4.78 -15.97
N THR A 415 -23.45 -3.54 -15.72
CA THR A 415 -24.63 -2.89 -16.31
C THR A 415 -24.44 -1.39 -16.52
N GLY A 416 -25.20 -0.80 -17.44
CA GLY A 416 -25.13 0.59 -17.88
C GLY A 416 -25.39 0.66 -19.38
N LYS A 417 -25.48 1.83 -20.01
CA LYS A 417 -25.85 1.91 -21.45
C LYS A 417 -24.93 1.10 -22.35
N ILE A 418 -23.64 1.01 -22.05
CA ILE A 418 -22.72 0.27 -22.91
C ILE A 418 -22.92 -1.23 -22.75
N ALA A 419 -22.90 -1.74 -21.53
CA ALA A 419 -23.14 -3.16 -21.26
C ALA A 419 -24.55 -3.60 -21.68
N ASP A 420 -25.58 -2.81 -21.39
CA ASP A 420 -26.96 -3.19 -21.65
C ASP A 420 -27.30 -3.12 -23.14
N TYR A 421 -26.88 -2.09 -23.87
CA TYR A 421 -27.39 -1.80 -25.23
C TYR A 421 -26.35 -1.82 -26.34
N ASN A 422 -25.05 -1.89 -26.07
CA ASN A 422 -24.02 -1.73 -27.10
C ASN A 422 -23.08 -2.94 -27.22
N TYR A 423 -22.51 -3.42 -26.11
CA TYR A 423 -21.58 -4.55 -26.11
C TYR A 423 -21.66 -5.28 -24.78
N LYS A 424 -22.16 -6.52 -24.77
CA LYS A 424 -22.36 -7.34 -23.58
C LYS A 424 -21.35 -8.49 -23.54
N LEU A 425 -20.61 -8.66 -22.44
CA LEU A 425 -19.76 -9.82 -22.20
C LEU A 425 -20.55 -10.94 -21.49
N PRO A 426 -20.22 -12.22 -21.71
CA PRO A 426 -20.74 -13.31 -20.88
C PRO A 426 -20.35 -13.17 -19.41
N ASP A 427 -21.09 -13.77 -18.50
CA ASP A 427 -20.69 -13.86 -17.09
C ASP A 427 -19.54 -14.86 -16.89
N ASP A 428 -19.41 -15.86 -17.76
CA ASP A 428 -18.35 -16.87 -17.78
C ASP A 428 -17.30 -16.61 -18.87
N PHE A 429 -17.05 -15.34 -19.20
CA PHE A 429 -16.08 -14.91 -20.20
C PHE A 429 -14.66 -15.41 -19.89
N THR A 430 -13.96 -15.93 -20.90
CA THR A 430 -12.50 -16.16 -20.83
C THR A 430 -11.81 -15.33 -21.90
N GLY A 431 -10.94 -14.43 -21.49
CA GLY A 431 -10.45 -13.38 -22.37
C GLY A 431 -9.82 -12.22 -21.62
N CYS A 432 -9.36 -11.21 -22.34
CA CYS A 432 -8.72 -10.02 -21.78
C CYS A 432 -9.38 -8.75 -22.29
N VAL A 433 -9.51 -7.76 -21.43
CA VAL A 433 -9.94 -6.41 -21.80
C VAL A 433 -8.75 -5.49 -21.68
N ILE A 434 -8.44 -4.76 -22.76
CA ILE A 434 -7.33 -3.82 -22.85
C ILE A 434 -7.88 -2.48 -23.30
N ALA A 435 -7.46 -1.37 -22.71
CA ALA A 435 -7.87 -0.04 -23.16
C ALA A 435 -6.78 0.99 -22.98
N TRP A 436 -6.78 2.03 -23.80
CA TRP A 436 -5.87 3.17 -23.68
C TRP A 436 -6.55 4.47 -24.10
N ASN A 437 -6.12 5.57 -23.52
CA ASN A 437 -6.66 6.89 -23.78
C ASN A 437 -6.21 7.37 -25.16
N SER A 438 -7.11 7.92 -25.98
CA SER A 438 -6.80 8.25 -27.38
C SER A 438 -7.15 9.68 -27.77
N ASN A 439 -7.27 10.61 -26.82
CA ASN A 439 -7.66 11.99 -27.16
C ASN A 439 -6.65 12.75 -28.03
N ASN A 440 -5.42 12.25 -28.19
CA ASN A 440 -4.45 12.73 -29.17
C ASN A 440 -4.78 12.27 -30.61
N LEU A 441 -5.33 11.07 -30.77
CA LEU A 441 -5.69 10.49 -32.06
C LEU A 441 -7.06 10.95 -32.54
N ASP A 442 -8.08 10.82 -31.72
CA ASP A 442 -9.47 10.88 -32.20
C ASP A 442 -10.42 11.74 -31.34
N SER A 443 -9.87 12.84 -30.83
CA SER A 443 -10.59 14.01 -30.38
C SER A 443 -10.08 15.27 -31.10
N LYS A 444 -10.93 16.27 -31.33
CA LYS A 444 -10.57 17.51 -32.02
C LYS A 444 -11.37 18.71 -31.51
N VAL A 445 -10.86 19.92 -31.69
CA VAL A 445 -11.52 21.13 -31.17
C VAL A 445 -12.83 21.41 -31.90
N GLY A 446 -13.90 21.66 -31.14
CA GLY A 446 -15.27 21.64 -31.66
C GLY A 446 -15.92 20.25 -31.69
N GLY A 447 -15.24 19.22 -31.16
CA GLY A 447 -15.76 17.87 -30.97
C GLY A 447 -15.57 16.95 -32.18
N ASN A 448 -15.46 15.65 -31.90
CA ASN A 448 -15.44 14.60 -32.91
C ASN A 448 -16.72 13.74 -32.80
N TYR A 449 -17.79 14.15 -33.48
CA TYR A 449 -19.09 13.46 -33.41
C TYR A 449 -19.19 12.19 -34.28
N ASN A 450 -18.10 11.70 -34.86
CA ASN A 450 -18.11 10.50 -35.69
C ASN A 450 -18.29 9.17 -34.92
N TYR A 451 -18.25 9.19 -33.59
CA TYR A 451 -18.46 8.00 -32.76
C TYR A 451 -19.81 8.03 -32.06
N LEU A 452 -20.56 6.94 -32.13
CA LEU A 452 -21.93 6.83 -31.65
C LEU A 452 -22.15 5.60 -30.77
N TYR A 453 -23.23 5.62 -30.00
CA TYR A 453 -23.68 4.54 -29.14
C TYR A 453 -25.21 4.49 -29.10
N ARG A 454 -25.84 3.31 -28.93
CA ARG A 454 -27.28 3.19 -28.71
C ARG A 454 -27.63 3.77 -27.35
N LEU A 455 -28.60 4.67 -27.31
CA LEU A 455 -29.16 5.21 -26.09
C LEU A 455 -30.45 4.48 -25.67
N PHE A 456 -31.09 3.74 -26.58
CA PHE A 456 -32.37 3.05 -26.34
C PHE A 456 -32.48 1.69 -27.02
N ARG A 457 -33.14 0.72 -26.37
CA ARG A 457 -33.66 -0.55 -26.91
C ARG A 457 -34.91 -1.00 -26.16
N LYS A 458 -35.71 -1.86 -26.79
CA LYS A 458 -36.80 -2.60 -26.14
C LYS A 458 -36.33 -3.73 -25.18
N SER A 459 -35.06 -4.12 -25.21
CA SER A 459 -34.46 -5.14 -24.35
C SER A 459 -32.94 -5.08 -24.33
N ASN A 460 -32.29 -5.69 -23.35
CA ASN A 460 -30.83 -5.77 -23.31
C ASN A 460 -30.26 -6.69 -24.39
N LEU A 461 -29.03 -6.44 -24.81
CA LEU A 461 -28.26 -7.37 -25.64
C LEU A 461 -28.01 -8.67 -24.87
N LYS A 462 -28.00 -9.79 -25.58
CA LYS A 462 -27.38 -11.04 -25.10
C LYS A 462 -25.87 -11.01 -25.38
N PRO A 463 -25.04 -11.87 -24.77
CA PRO A 463 -23.59 -11.80 -24.93
C PRO A 463 -23.14 -11.85 -26.37
N PHE A 464 -22.16 -11.00 -26.73
CA PHE A 464 -21.60 -10.86 -28.08
C PHE A 464 -22.60 -10.65 -29.22
N GLU A 465 -23.81 -10.17 -28.94
CA GLU A 465 -24.74 -9.67 -29.95
C GLU A 465 -24.33 -8.26 -30.42
N ARG A 466 -24.56 -7.89 -31.69
CA ARG A 466 -24.53 -6.48 -32.13
C ARG A 466 -25.83 -6.07 -32.79
N ASP A 467 -26.20 -4.80 -32.67
CA ASP A 467 -27.43 -4.26 -33.21
C ASP A 467 -27.17 -2.93 -33.88
N ILE A 468 -27.12 -2.96 -35.22
CA ILE A 468 -26.94 -1.79 -36.08
C ILE A 468 -28.27 -1.24 -36.63
N SER A 469 -29.41 -1.63 -36.07
CA SER A 469 -30.72 -1.12 -36.48
C SER A 469 -30.89 0.37 -36.20
N THR A 470 -31.56 1.09 -37.08
CA THR A 470 -31.72 2.56 -37.02
C THR A 470 -33.17 3.01 -36.74
N GLU A 471 -34.12 2.08 -36.71
CA GLU A 471 -35.55 2.33 -36.51
C GLU A 471 -35.84 3.20 -35.28
N ILE A 472 -36.71 4.20 -35.42
CA ILE A 472 -36.99 5.19 -34.36
C ILE A 472 -37.62 4.50 -33.15
N TYR A 473 -37.03 4.64 -31.98
CA TYR A 473 -37.48 4.02 -30.74
C TYR A 473 -38.72 4.70 -30.18
N GLN A 474 -39.88 4.07 -30.23
CA GLN A 474 -41.06 4.55 -29.52
C GLN A 474 -40.89 4.32 -28.01
N ALA A 475 -40.63 5.40 -27.28
CA ALA A 475 -40.33 5.39 -25.86
C ALA A 475 -41.59 5.36 -24.98
N GLY A 476 -42.61 6.11 -25.38
CA GLY A 476 -43.89 6.23 -24.65
C GLY A 476 -45.01 5.35 -25.19
N SER A 477 -46.21 5.52 -24.65
CA SER A 477 -47.38 4.67 -24.92
C SER A 477 -47.99 4.88 -26.31
N THR A 478 -47.82 6.07 -26.90
CA THR A 478 -48.42 6.45 -28.19
C THR A 478 -47.78 5.72 -29.38
N PRO A 479 -48.53 5.00 -30.23
CA PRO A 479 -47.99 4.39 -31.44
C PRO A 479 -47.29 5.41 -32.33
N CYS A 480 -45.99 5.24 -32.55
CA CYS A 480 -45.20 6.15 -33.37
C CYS A 480 -45.38 5.90 -34.87
N ASN A 481 -45.28 6.97 -35.68
CA ASN A 481 -45.41 6.91 -37.14
C ASN A 481 -44.13 6.45 -37.88
N GLY A 482 -43.05 6.11 -37.17
CA GLY A 482 -41.77 5.73 -37.78
C GLY A 482 -40.84 6.92 -38.11
N VAL A 483 -41.06 8.07 -37.48
CA VAL A 483 -40.29 9.31 -37.63
C VAL A 483 -40.20 10.03 -36.29
N GLU A 484 -39.10 10.76 -36.03
CA GLU A 484 -38.80 11.40 -34.74
C GLU A 484 -39.89 12.37 -34.29
N GLY A 485 -40.15 12.40 -32.98
CA GLY A 485 -41.17 13.25 -32.38
C GLY A 485 -41.30 13.03 -30.89
N PHE A 486 -42.33 13.61 -30.26
CA PHE A 486 -42.58 13.42 -28.83
C PHE A 486 -42.74 11.94 -28.49
N ASN A 487 -42.02 11.46 -27.47
CA ASN A 487 -42.00 10.05 -27.04
C ASN A 487 -41.56 9.05 -28.15
N CYS A 488 -40.91 9.50 -29.21
CA CYS A 488 -40.37 8.65 -30.28
C CYS A 488 -39.01 9.15 -30.77
N TYR A 489 -37.92 8.46 -30.45
CA TYR A 489 -36.55 9.00 -30.47
C TYR A 489 -35.61 8.27 -31.42
N PHE A 490 -34.71 8.97 -32.10
CA PHE A 490 -33.67 8.30 -32.89
C PHE A 490 -32.69 7.55 -31.97
N PRO A 491 -32.38 6.26 -32.22
CA PRO A 491 -31.81 5.39 -31.20
C PRO A 491 -30.33 5.58 -30.87
N LEU A 492 -29.56 6.31 -31.67
CA LEU A 492 -28.12 6.53 -31.46
C LEU A 492 -27.81 7.96 -31.01
N GLN A 493 -27.01 8.12 -29.98
CA GLN A 493 -26.35 9.38 -29.65
C GLN A 493 -24.90 9.37 -30.13
N SER A 494 -24.28 10.55 -30.21
CA SER A 494 -22.88 10.74 -30.58
C SER A 494 -22.08 11.30 -29.41
N TYR A 495 -20.84 10.86 -29.24
CA TYR A 495 -19.97 11.38 -28.19
C TYR A 495 -19.41 12.77 -28.52
N GLY A 496 -19.49 13.71 -27.58
CA GLY A 496 -18.90 15.04 -27.69
C GLY A 496 -17.44 15.09 -27.26
N PHE A 497 -16.54 14.44 -28.00
CA PHE A 497 -15.11 14.36 -27.66
C PHE A 497 -14.35 15.64 -28.01
N GLN A 498 -14.40 16.65 -27.15
CA GLN A 498 -13.46 17.80 -27.13
C GLN A 498 -12.10 17.36 -26.57
N PRO A 499 -10.96 17.95 -26.99
CA PRO A 499 -9.64 17.58 -26.49
C PRO A 499 -9.41 18.01 -25.04
N THR A 500 -10.19 18.99 -24.56
CA THR A 500 -10.20 19.54 -23.21
C THR A 500 -11.22 18.88 -22.28
N ASN A 501 -11.91 17.80 -22.68
CA ASN A 501 -12.79 17.05 -21.78
C ASN A 501 -12.03 16.55 -20.55
N GLY A 502 -12.69 16.48 -19.39
CA GLY A 502 -12.13 15.83 -18.20
C GLY A 502 -11.86 14.35 -18.46
N VAL A 503 -10.98 13.71 -17.69
CA VAL A 503 -10.42 12.38 -18.05
C VAL A 503 -11.48 11.30 -18.27
N GLY A 504 -12.59 11.32 -17.52
CA GLY A 504 -13.70 10.39 -17.72
C GLY A 504 -14.48 10.60 -19.01
N TYR A 505 -14.45 11.80 -19.60
CA TYR A 505 -15.12 12.15 -20.84
C TYR A 505 -14.19 12.16 -22.07
N GLN A 506 -12.92 11.77 -21.91
CA GLN A 506 -12.00 11.57 -23.03
C GLN A 506 -12.36 10.30 -23.80
N PRO A 507 -12.01 10.15 -25.09
CA PRO A 507 -12.10 8.87 -25.77
C PRO A 507 -11.07 7.87 -25.26
N TYR A 508 -11.46 6.61 -25.21
CA TYR A 508 -10.61 5.46 -24.99
C TYR A 508 -10.86 4.45 -26.10
N ARG A 509 -9.80 3.93 -26.69
CA ARG A 509 -9.85 2.81 -27.64
C ARG A 509 -9.77 1.54 -26.84
N VAL A 510 -10.61 0.56 -27.14
CA VAL A 510 -10.75 -0.67 -26.37
C VAL A 510 -10.58 -1.86 -27.29
N VAL A 511 -9.86 -2.87 -26.86
CA VAL A 511 -9.79 -4.18 -27.51
C VAL A 511 -10.17 -5.25 -26.50
N VAL A 512 -11.13 -6.10 -26.85
CA VAL A 512 -11.51 -7.26 -26.07
C VAL A 512 -11.04 -8.51 -26.80
N LEU A 513 -10.17 -9.30 -26.20
CA LEU A 513 -9.71 -10.57 -26.75
C LEU A 513 -10.52 -11.68 -26.12
N SER A 514 -11.21 -12.47 -26.93
CA SER A 514 -12.00 -13.62 -26.50
C SER A 514 -11.34 -14.90 -27.00
N PHE A 515 -11.04 -15.84 -26.10
CA PHE A 515 -10.35 -17.09 -26.42
C PHE A 515 -11.33 -18.26 -26.48
N GLU A 516 -11.27 -19.14 -27.48
CA GLU A 516 -12.16 -20.32 -27.53
C GLU A 516 -11.48 -21.64 -27.90
N LEU A 517 -12.00 -22.72 -27.33
CA LEU A 517 -11.68 -24.12 -27.67
C LEU A 517 -12.92 -24.85 -28.17
N LEU A 518 -12.81 -25.46 -29.35
CA LEU A 518 -13.79 -26.37 -29.92
C LEU A 518 -13.21 -27.79 -30.03
N HIS A 519 -13.96 -28.74 -30.59
CA HIS A 519 -13.43 -30.05 -31.00
C HIS A 519 -12.59 -30.02 -32.27
N ALA A 520 -12.55 -28.89 -32.98
CA ALA A 520 -11.53 -28.63 -33.99
C ALA A 520 -10.12 -28.56 -33.34
N PRO A 521 -9.04 -28.84 -34.07
CA PRO A 521 -7.68 -28.70 -33.54
C PRO A 521 -7.37 -27.25 -33.14
N ALA A 522 -6.51 -27.06 -32.14
CA ALA A 522 -6.00 -25.74 -31.78
C ALA A 522 -5.10 -25.18 -32.90
N THR A 523 -5.20 -23.87 -33.16
CA THR A 523 -4.48 -23.19 -34.25
C THR A 523 -3.69 -21.97 -33.77
N VAL A 524 -4.05 -21.41 -32.61
CA VAL A 524 -3.38 -20.26 -32.00
C VAL A 524 -2.66 -20.76 -30.76
N CYS A 525 -1.35 -20.57 -30.66
CA CYS A 525 -0.52 -21.06 -29.55
C CYS A 525 0.55 -20.05 -29.17
N GLY A 526 1.05 -20.12 -27.93
CA GLY A 526 2.19 -19.31 -27.50
C GLY A 526 3.51 -19.75 -28.13
N PRO A 527 4.54 -18.87 -28.18
CA PRO A 527 5.84 -19.20 -28.75
C PRO A 527 6.60 -20.26 -27.94
N LYS A 528 7.14 -21.27 -28.62
CA LYS A 528 7.97 -22.34 -28.04
C LYS A 528 9.43 -21.90 -27.90
N LYS A 529 9.92 -21.77 -26.66
CA LYS A 529 11.34 -21.45 -26.38
C LYS A 529 12.28 -22.62 -26.69
N SER A 530 13.49 -22.32 -27.15
CA SER A 530 14.53 -23.30 -27.48
C SER A 530 15.83 -23.01 -26.74
N THR A 531 16.49 -24.05 -26.25
CA THR A 531 17.88 -23.98 -25.77
C THR A 531 18.87 -24.02 -26.93
N ASN A 532 20.17 -23.89 -26.64
CA ASN A 532 21.22 -24.22 -27.59
C ASN A 532 21.26 -25.74 -27.88
N LEU A 533 21.88 -26.12 -29.00
CA LEU A 533 22.16 -27.51 -29.36
C LEU A 533 23.55 -27.89 -28.86
N VAL A 534 23.64 -28.84 -27.92
CA VAL A 534 24.91 -29.41 -27.44
C VAL A 534 25.09 -30.82 -27.97
N LYS A 535 26.30 -31.14 -28.43
CA LYS A 535 26.65 -32.42 -29.06
C LYS A 535 27.79 -33.10 -28.33
N ASN A 536 27.91 -34.42 -28.50
CA ASN A 536 28.92 -35.28 -27.88
C ASN A 536 28.80 -35.42 -26.35
N LYS A 537 27.61 -35.22 -25.77
CA LYS A 537 27.34 -35.34 -24.32
C LYS A 537 26.00 -36.02 -24.01
N GLN B 1 13.05 -22.85 -5.02
CA GLN B 1 14.06 -22.78 -6.09
C GLN B 1 14.80 -21.44 -6.07
N VAL B 2 14.26 -20.38 -6.68
CA VAL B 2 14.96 -19.09 -6.82
C VAL B 2 15.08 -18.39 -5.47
N GLN B 3 16.25 -17.82 -5.18
CA GLN B 3 16.56 -17.12 -3.94
C GLN B 3 17.20 -15.76 -4.25
N LEU B 4 16.82 -14.74 -3.50
CA LEU B 4 17.42 -13.41 -3.53
C LEU B 4 18.21 -13.21 -2.23
N GLN B 5 19.49 -12.90 -2.35
CA GLN B 5 20.40 -12.69 -1.23
C GLN B 5 20.98 -11.29 -1.32
N GLN B 6 20.86 -10.46 -0.28
CA GLN B 6 21.29 -9.05 -0.35
C GLN B 6 22.25 -8.66 0.77
N TRP B 7 23.14 -7.71 0.48
CA TRP B 7 24.14 -7.18 1.41
C TRP B 7 24.55 -5.74 1.08
N GLY B 8 25.10 -5.03 2.04
CA GLY B 8 25.60 -3.66 1.91
C GLY B 8 25.80 -3.00 3.26
N ALA B 9 26.49 -1.86 3.32
CA ALA B 9 26.67 -1.12 4.57
C ALA B 9 25.35 -0.54 5.07
N GLY B 10 24.96 -0.87 6.31
CA GLY B 10 23.69 -0.42 6.89
C GLY B 10 23.80 0.89 7.68
N LEU B 11 24.84 1.05 8.50
CA LEU B 11 25.06 2.27 9.26
C LEU B 11 25.76 3.34 8.39
N LEU B 12 25.12 4.49 8.25
CA LEU B 12 25.53 5.61 7.41
C LEU B 12 25.29 6.92 8.17
N LYS B 13 25.83 8.05 7.71
CA LYS B 13 25.47 9.37 8.27
C LYS B 13 25.07 10.36 7.17
N PRO B 14 24.39 11.49 7.51
CA PRO B 14 23.77 12.34 6.52
C PRO B 14 24.72 12.81 5.44
N SER B 15 24.21 12.96 4.22
CA SER B 15 24.91 13.28 2.97
C SER B 15 25.92 12.24 2.45
N GLU B 16 26.04 11.06 3.07
CA GLU B 16 26.65 9.89 2.41
C GLU B 16 25.79 9.36 1.25
N THR B 17 26.26 8.32 0.55
CA THR B 17 25.50 7.59 -0.48
C THR B 17 25.29 6.13 -0.07
N LEU B 18 24.03 5.69 -0.04
CA LEU B 18 23.66 4.28 0.18
C LEU B 18 24.13 3.43 -0.98
N SER B 19 24.52 2.19 -0.76
CA SER B 19 24.94 1.26 -1.81
C SER B 19 24.64 -0.18 -1.41
N LEU B 20 23.48 -0.69 -1.85
CA LEU B 20 23.02 -2.05 -1.56
C LEU B 20 23.16 -2.92 -2.79
N THR B 21 23.51 -4.19 -2.61
CA THR B 21 23.57 -5.19 -3.67
C THR B 21 22.68 -6.37 -3.34
N CYS B 22 22.09 -6.96 -4.36
CA CYS B 22 21.24 -8.13 -4.29
C CYS B 22 21.69 -9.11 -5.39
N ALA B 23 21.76 -10.40 -5.08
CA ALA B 23 22.18 -11.44 -6.00
C ALA B 23 21.14 -12.55 -6.07
N VAL B 24 20.98 -13.12 -7.26
CA VAL B 24 19.97 -14.14 -7.54
C VAL B 24 20.66 -15.49 -7.69
N TYR B 25 20.15 -16.48 -6.97
CA TYR B 25 20.59 -17.87 -7.07
C TYR B 25 19.43 -18.75 -7.56
N GLY B 26 19.73 -19.76 -8.37
CA GLY B 26 18.72 -20.68 -8.92
C GLY B 26 17.88 -20.11 -10.07
N GLY B 27 18.23 -18.93 -10.59
CA GLY B 27 17.51 -18.24 -11.66
C GLY B 27 18.36 -17.15 -12.34
N SER B 28 17.75 -16.38 -13.24
CA SER B 28 18.43 -15.39 -14.10
C SER B 28 17.59 -14.13 -14.31
N PHE B 29 18.23 -13.01 -14.61
CA PHE B 29 17.59 -11.69 -14.67
C PHE B 29 16.65 -11.48 -15.87
N SER B 30 16.99 -12.04 -17.04
CA SER B 30 16.57 -11.46 -18.32
C SER B 30 15.06 -11.41 -18.55
N GLY B 31 14.29 -12.41 -18.09
CA GLY B 31 12.86 -12.51 -18.36
C GLY B 31 11.92 -11.77 -17.40
N TYR B 32 12.44 -11.09 -16.36
CA TYR B 32 11.64 -10.69 -15.19
C TYR B 32 11.88 -9.24 -14.78
N TYR B 33 11.02 -8.74 -13.89
CA TYR B 33 11.09 -7.39 -13.35
C TYR B 33 11.71 -7.44 -11.96
N TRP B 34 12.69 -6.60 -11.71
CA TRP B 34 13.47 -6.57 -10.45
C TRP B 34 13.35 -5.20 -9.82
N SER B 35 12.93 -5.12 -8.57
CA SER B 35 12.59 -3.84 -7.90
C SER B 35 13.30 -3.68 -6.56
N TRP B 36 13.51 -2.44 -6.16
CA TRP B 36 13.87 -2.09 -4.79
C TRP B 36 12.69 -1.44 -4.09
N ILE B 37 12.41 -1.87 -2.87
CA ILE B 37 11.26 -1.46 -2.06
C ILE B 37 11.78 -1.15 -0.66
N ARG B 38 11.27 -0.14 0.03
CA ARG B 38 11.69 0.18 1.40
C ARG B 38 10.53 0.37 2.36
N GLN B 39 10.82 0.21 3.63
CA GLN B 39 9.84 0.25 4.70
C GLN B 39 10.42 0.99 5.92
N PRO B 40 10.08 2.27 6.14
CA PRO B 40 10.56 3.02 7.29
C PRO B 40 10.14 2.37 8.61
N PRO B 41 10.84 2.60 9.73
CA PRO B 41 10.53 1.94 11.00
C PRO B 41 9.11 2.27 11.46
N GLY B 42 8.26 1.25 11.56
CA GLY B 42 6.86 1.39 11.96
C GLY B 42 5.92 1.97 10.90
N LYS B 43 6.26 1.88 9.62
CA LYS B 43 5.50 2.48 8.49
C LYS B 43 5.30 1.50 7.34
N GLY B 44 4.48 1.87 6.36
CA GLY B 44 4.16 1.05 5.19
C GLY B 44 5.25 0.96 4.12
N LEU B 45 5.04 0.11 3.12
CA LEU B 45 5.96 -0.13 2.01
C LEU B 45 5.95 1.01 0.98
N GLU B 46 7.12 1.34 0.44
CA GLU B 46 7.32 2.31 -0.65
C GLU B 46 8.17 1.68 -1.75
N TRP B 47 7.69 1.69 -3.00
CA TRP B 47 8.45 1.20 -4.14
C TRP B 47 9.38 2.29 -4.67
N ILE B 48 10.67 1.97 -4.84
CA ILE B 48 11.71 2.92 -5.24
C ILE B 48 11.86 2.98 -6.76
N GLY B 49 11.92 1.82 -7.39
CA GLY B 49 12.19 1.73 -8.82
C GLY B 49 12.49 0.30 -9.22
N GLU B 50 12.65 0.08 -10.51
CA GLU B 50 12.79 -1.24 -11.09
C GLU B 50 13.73 -1.26 -12.30
N ILE B 51 14.16 -2.46 -12.64
CA ILE B 51 14.69 -2.89 -13.92
C ILE B 51 13.63 -3.77 -14.56
N ASN B 52 13.24 -3.52 -15.81
CA ASN B 52 12.35 -4.42 -16.55
C ASN B 52 13.09 -5.62 -17.16
N HIS B 53 12.34 -6.52 -17.80
CA HIS B 53 12.93 -7.56 -18.65
C HIS B 53 13.80 -6.89 -19.72
N SER B 54 14.96 -7.44 -20.04
CA SER B 54 16.00 -6.82 -20.91
C SER B 54 16.70 -5.54 -20.39
N GLY B 55 16.40 -5.03 -19.20
CA GLY B 55 17.36 -4.20 -18.45
C GLY B 55 17.17 -2.68 -18.44
N SER B 56 16.04 -2.12 -18.89
CA SER B 56 15.75 -0.68 -18.80
C SER B 56 15.20 -0.29 -17.43
N THR B 57 15.70 0.81 -16.86
CA THR B 57 15.27 1.32 -15.55
C THR B 57 13.97 2.11 -15.62
N ASN B 58 13.16 2.03 -14.57
CA ASN B 58 12.03 2.93 -14.31
C ASN B 58 12.02 3.30 -12.82
N TYR B 59 11.81 4.57 -12.47
CA TYR B 59 11.95 5.06 -11.09
C TYR B 59 10.68 5.73 -10.58
N ASN B 60 10.42 5.63 -9.28
CA ASN B 60 9.39 6.41 -8.62
C ASN B 60 9.74 7.89 -8.74
N PRO B 61 8.88 8.77 -9.29
CA PRO B 61 9.21 10.16 -9.53
C PRO B 61 9.66 10.94 -8.28
N SER B 62 9.24 10.52 -7.08
CA SER B 62 9.65 11.15 -5.82
C SER B 62 11.12 10.91 -5.46
N LEU B 63 11.73 9.82 -5.92
CA LEU B 63 13.15 9.45 -5.66
C LEU B 63 14.04 9.53 -6.90
N LYS B 64 13.46 9.58 -8.10
CA LYS B 64 14.12 9.64 -9.41
C LYS B 64 15.29 10.62 -9.49
N SER B 65 15.21 11.75 -8.78
CA SER B 65 16.23 12.79 -8.76
C SER B 65 17.57 12.38 -8.12
N ARG B 66 17.62 11.30 -7.31
CA ARG B 66 18.82 10.93 -6.54
C ARG B 66 19.12 9.44 -6.42
N VAL B 67 18.49 8.60 -7.23
CA VAL B 67 18.57 7.13 -7.19
C VAL B 67 19.13 6.56 -8.49
N THR B 68 19.78 5.41 -8.44
CA THR B 68 20.38 4.72 -9.59
C THR B 68 20.37 3.21 -9.39
N ILE B 69 19.68 2.47 -10.25
CA ILE B 69 19.61 1.01 -10.20
C ILE B 69 20.37 0.43 -11.40
N SER B 70 21.19 -0.62 -11.20
CA SER B 70 21.96 -1.22 -12.30
C SER B 70 22.21 -2.71 -12.12
N VAL B 71 22.30 -3.47 -13.22
CA VAL B 71 22.53 -4.92 -13.22
C VAL B 71 23.94 -5.26 -13.71
N ASP B 72 24.63 -6.14 -13.00
CA ASP B 72 25.84 -6.83 -13.45
C ASP B 72 25.49 -8.28 -13.83
N THR B 73 25.13 -8.49 -15.09
CA THR B 73 24.67 -9.79 -15.61
C THR B 73 25.75 -10.86 -15.56
N SER B 74 27.03 -10.47 -15.48
CA SER B 74 28.15 -11.42 -15.31
C SER B 74 28.11 -12.17 -13.97
N LYS B 75 27.36 -11.64 -12.98
CA LYS B 75 27.26 -12.18 -11.62
C LYS B 75 25.83 -12.50 -11.16
N ASN B 76 24.82 -12.33 -12.04
CA ASN B 76 23.39 -12.39 -11.66
C ASN B 76 23.11 -11.53 -10.42
N GLN B 77 23.51 -10.26 -10.50
CA GLN B 77 23.61 -9.36 -9.38
C GLN B 77 23.14 -7.97 -9.78
N PHE B 78 22.41 -7.25 -8.93
CA PHE B 78 21.99 -5.88 -9.19
C PHE B 78 22.00 -5.04 -7.93
N SER B 79 22.02 -3.72 -8.09
CA SER B 79 22.33 -2.82 -6.98
C SER B 79 21.54 -1.54 -7.03
N LEU B 80 21.41 -0.91 -5.87
CA LEU B 80 20.78 0.38 -5.65
C LEU B 80 21.84 1.33 -5.12
N LYS B 81 22.08 2.45 -5.78
CA LYS B 81 22.71 3.62 -5.18
C LYS B 81 21.63 4.63 -4.89
N LEU B 82 21.65 5.25 -3.72
CA LEU B 82 20.74 6.32 -3.36
C LEU B 82 21.55 7.40 -2.67
N SER B 83 21.74 8.52 -3.35
CA SER B 83 22.76 9.52 -3.03
C SER B 83 22.26 10.60 -2.06
N SER B 84 23.20 11.20 -1.33
CA SER B 84 22.96 12.28 -0.37
C SER B 84 21.82 11.95 0.61
N VAL B 85 22.01 10.87 1.37
CA VAL B 85 21.01 10.33 2.31
C VAL B 85 20.70 11.28 3.47
N THR B 86 19.51 11.18 4.05
CA THR B 86 19.08 11.91 5.26
C THR B 86 18.46 10.94 6.27
N ALA B 87 18.17 11.38 7.50
CA ALA B 87 17.55 10.51 8.50
C ALA B 87 16.26 9.84 8.02
N ALA B 88 15.49 10.50 7.14
CA ALA B 88 14.29 9.97 6.50
C ALA B 88 14.52 8.78 5.57
N ASP B 89 15.75 8.50 5.15
CA ASP B 89 16.12 7.32 4.38
C ASP B 89 16.34 6.08 5.26
N THR B 90 16.28 6.19 6.59
CA THR B 90 16.33 5.06 7.52
C THR B 90 15.13 4.13 7.33
N ALA B 91 15.37 2.88 6.94
CA ALA B 91 14.34 1.92 6.59
C ALA B 91 14.93 0.51 6.47
N VAL B 92 14.10 -0.51 6.38
CA VAL B 92 14.50 -1.81 5.81
C VAL B 92 14.32 -1.74 4.30
N TYR B 93 15.32 -2.14 3.53
CA TYR B 93 15.28 -2.18 2.07
C TYR B 93 15.24 -3.61 1.57
N TYR B 94 14.28 -3.96 0.72
CA TYR B 94 14.13 -5.28 0.10
C TYR B 94 14.37 -5.18 -1.40
N CYS B 95 15.15 -6.09 -1.99
CA CYS B 95 14.99 -6.39 -3.41
C CYS B 95 13.82 -7.36 -3.59
N ALA B 96 13.09 -7.29 -4.70
CA ALA B 96 12.01 -8.20 -5.01
C ALA B 96 11.87 -8.46 -6.51
N ARG B 97 11.42 -9.65 -6.88
CA ARG B 97 11.08 -10.05 -8.25
C ARG B 97 9.58 -9.89 -8.49
N ARG B 98 9.21 -9.62 -9.74
CA ARG B 98 7.83 -9.62 -10.24
C ARG B 98 7.84 -10.33 -11.61
N TRP B 99 6.85 -11.17 -11.90
CA TRP B 99 6.91 -12.02 -13.09
C TRP B 99 6.61 -11.29 -14.41
N TRP B 100 5.71 -10.31 -14.37
CA TRP B 100 5.33 -9.43 -15.48
C TRP B 100 4.95 -8.07 -14.94
N LEU B 101 4.83 -7.06 -15.81
CA LEU B 101 4.73 -5.65 -15.44
C LEU B 101 3.76 -5.37 -14.30
N ARG B 102 2.53 -5.89 -14.39
CA ARG B 102 1.43 -5.61 -13.45
C ARG B 102 1.19 -6.75 -12.46
N GLY B 103 2.10 -7.72 -12.39
CA GLY B 103 1.98 -8.91 -11.55
C GLY B 103 2.31 -8.67 -10.08
N ALA B 104 2.22 -9.73 -9.28
CA ALA B 104 2.59 -9.72 -7.87
C ALA B 104 4.10 -9.72 -7.68
N PHE B 105 4.59 -9.15 -6.57
CA PHE B 105 5.95 -9.33 -6.11
C PHE B 105 6.09 -10.73 -5.52
N ASP B 106 6.55 -11.67 -6.32
CA ASP B 106 6.45 -13.08 -6.02
C ASP B 106 7.62 -13.64 -5.22
N ILE B 107 8.79 -13.01 -5.26
CA ILE B 107 9.98 -13.40 -4.49
C ILE B 107 10.61 -12.16 -3.87
N TRP B 108 11.01 -12.22 -2.61
CA TRP B 108 11.59 -11.12 -1.84
C TRP B 108 12.95 -11.50 -1.26
N GLY B 109 13.90 -10.57 -1.28
CA GLY B 109 15.16 -10.70 -0.56
C GLY B 109 14.94 -10.63 0.95
N GLN B 110 15.95 -11.00 1.74
CA GLN B 110 15.78 -11.11 3.20
C GLN B 110 15.70 -9.76 3.94
N GLY B 111 15.78 -8.64 3.23
CA GLY B 111 15.81 -7.30 3.80
C GLY B 111 17.21 -6.87 4.26
N THR B 112 17.40 -5.58 4.47
CA THR B 112 18.66 -5.01 4.97
C THR B 112 18.33 -3.70 5.67
N THR B 113 18.60 -3.62 6.97
CA THR B 113 18.30 -2.42 7.77
C THR B 113 19.35 -1.34 7.51
N VAL B 114 18.91 -0.16 7.10
CA VAL B 114 19.75 1.01 6.86
C VAL B 114 19.44 2.04 7.93
N THR B 115 20.43 2.51 8.68
CA THR B 115 20.28 3.53 9.71
C THR B 115 21.12 4.75 9.37
N VAL B 116 20.49 5.88 9.08
CA VAL B 116 21.19 7.11 8.73
C VAL B 116 21.21 8.02 9.96
N SER B 117 22.37 8.15 10.61
CA SER B 117 22.49 8.91 11.84
C SER B 117 23.89 9.47 12.08
N SER B 118 23.97 10.79 12.27
CA SER B 118 25.18 11.50 12.66
C SER B 118 25.60 11.26 14.12
N ALA B 119 24.76 10.64 14.94
CA ALA B 119 24.91 10.62 16.39
C ALA B 119 26.24 10.00 16.87
N SER B 120 26.66 10.43 18.06
CA SER B 120 27.83 9.94 18.79
C SER B 120 27.49 9.83 20.28
N THR B 121 28.27 9.06 21.03
CA THR B 121 27.90 8.68 22.40
C THR B 121 27.67 9.91 23.27
N LYS B 122 26.58 9.88 24.04
CA LYS B 122 26.12 10.98 24.88
C LYS B 122 25.35 10.40 26.06
N GLY B 123 25.80 10.68 27.26
CA GLY B 123 25.14 10.19 28.47
C GLY B 123 23.84 10.95 28.75
N PRO B 124 22.89 10.32 29.45
CA PRO B 124 21.63 10.94 29.85
C PRO B 124 21.78 12.05 30.87
N SER B 125 20.84 12.99 30.83
CA SER B 125 20.53 13.93 31.90
C SER B 125 19.08 13.71 32.36
N VAL B 126 18.79 13.96 33.64
CA VAL B 126 17.60 13.44 34.32
C VAL B 126 16.76 14.57 34.92
N PHE B 127 15.45 14.50 34.76
CA PHE B 127 14.50 15.59 35.06
C PHE B 127 13.26 15.03 35.79
N PRO B 128 13.10 15.24 37.12
CA PRO B 128 12.05 14.61 37.91
C PRO B 128 10.66 15.12 37.50
N LEU B 129 9.65 14.26 37.61
CA LEU B 129 8.24 14.61 37.38
C LEU B 129 7.44 14.42 38.68
N ALA B 130 6.84 15.49 39.21
CA ALA B 130 6.21 15.46 40.53
C ALA B 130 4.98 14.52 40.59
N PRO B 131 4.63 13.93 41.77
CA PRO B 131 3.62 12.88 41.88
C PRO B 131 2.22 13.25 41.39
N SER B 137 1.45 12.21 41.00
CA SER B 137 0.09 12.29 40.48
C SER B 137 -0.79 11.15 41.03
N GLY B 138 -2.10 11.34 41.02
CA GLY B 138 -3.10 10.36 41.49
C GLY B 138 -3.25 10.27 43.00
N GLY B 139 -4.30 9.56 43.46
CA GLY B 139 -4.52 9.22 44.87
C GLY B 139 -3.56 8.12 45.33
N THR B 140 -3.57 6.97 44.65
CA THR B 140 -2.39 6.10 44.57
C THR B 140 -1.28 6.87 43.87
N ALA B 141 -0.07 6.94 44.44
CA ALA B 141 0.96 7.83 43.93
C ALA B 141 1.68 7.21 42.73
N ALA B 142 1.30 7.63 41.51
CA ALA B 142 2.09 7.41 40.31
C ALA B 142 3.01 8.63 40.10
N LEU B 143 4.31 8.41 40.20
CA LEU B 143 5.33 9.46 40.19
C LEU B 143 6.43 9.09 39.20
N GLY B 144 7.03 10.09 38.54
CA GLY B 144 7.78 9.89 37.31
C GLY B 144 9.14 10.58 37.26
N CYS B 145 9.87 10.31 36.18
CA CYS B 145 11.25 10.76 36.00
C CYS B 145 11.67 10.68 34.54
N LEU B 146 12.04 11.81 33.92
CA LEU B 146 12.35 11.92 32.50
C LEU B 146 13.87 11.88 32.26
N VAL B 147 14.32 10.95 31.43
CA VAL B 147 15.71 10.73 31.03
C VAL B 147 15.83 11.24 29.58
N LYS B 148 16.08 12.55 29.46
CA LYS B 148 15.65 13.37 28.31
C LYS B 148 16.42 13.23 26.97
N ASP B 149 17.73 13.04 26.96
CA ASP B 149 18.54 12.96 25.73
C ASP B 149 19.83 12.13 25.93
N TYR B 150 19.95 11.01 25.21
CA TYR B 150 21.11 10.13 25.28
C TYR B 150 21.29 9.31 23.99
N PHE B 151 22.48 8.77 23.77
CA PHE B 151 22.76 7.81 22.71
C PHE B 151 24.03 7.02 23.04
N PRO B 152 24.19 5.80 22.52
CA PRO B 152 23.14 4.90 22.04
C PRO B 152 22.34 4.28 23.22
N GLU B 153 21.36 3.45 22.88
CA GLU B 153 20.80 2.43 23.79
C GLU B 153 21.88 1.42 24.21
N PRO B 154 21.71 0.69 25.34
CA PRO B 154 20.59 0.74 26.29
C PRO B 154 20.79 1.78 27.41
N VAL B 155 19.87 1.84 28.35
CA VAL B 155 19.97 2.57 29.63
C VAL B 155 19.18 1.81 30.70
N THR B 156 19.46 2.05 31.98
CA THR B 156 18.64 1.54 33.10
C THR B 156 18.19 2.69 33.98
N VAL B 157 16.92 2.73 34.39
CA VAL B 157 16.31 3.81 35.18
C VAL B 157 15.58 3.22 36.40
N SER B 158 16.38 2.67 37.30
CA SER B 158 15.97 2.10 38.58
C SER B 158 15.48 3.17 39.57
N TRP B 159 15.03 2.74 40.75
CA TRP B 159 14.51 3.62 41.79
C TRP B 159 15.00 3.19 43.18
N ASN B 160 15.10 4.14 44.11
CA ASN B 160 15.50 3.94 45.50
C ASN B 160 16.79 3.10 45.64
N SER B 161 17.79 3.35 44.81
CA SER B 161 19.04 2.57 44.79
C SER B 161 18.84 1.06 44.57
N GLY B 162 17.73 0.66 43.95
CA GLY B 162 17.31 -0.73 43.75
C GLY B 162 16.37 -1.30 44.82
N ALA B 163 15.99 -0.50 45.84
CA ALA B 163 15.12 -0.92 46.94
C ALA B 163 13.62 -0.99 46.58
N LEU B 164 13.24 -0.57 45.37
CA LEU B 164 11.85 -0.42 44.93
C LEU B 164 11.64 -0.99 43.52
N THR B 165 11.40 -2.30 43.44
CA THR B 165 11.19 -3.06 42.19
C THR B 165 9.74 -3.52 41.98
N SER B 166 8.80 -3.02 42.78
CA SER B 166 7.35 -3.27 42.68
C SER B 166 6.61 -2.02 42.20
N GLY B 167 5.72 -2.18 41.21
CA GLY B 167 4.96 -1.07 40.61
C GLY B 167 5.76 -0.18 39.65
N VAL B 168 6.99 -0.56 39.30
CA VAL B 168 7.85 0.18 38.35
C VAL B 168 7.34 -0.02 36.92
N HIS B 169 7.42 1.01 36.09
CA HIS B 169 7.21 0.95 34.64
C HIS B 169 8.16 1.89 33.89
N THR B 170 9.19 1.33 33.26
CA THR B 170 9.98 2.01 32.20
C THR B 170 9.26 1.84 30.87
N PHE B 171 8.90 2.93 30.21
CA PHE B 171 8.36 2.87 28.86
C PHE B 171 9.48 2.54 27.85
N PRO B 172 9.19 2.18 26.59
CA PRO B 172 10.20 2.16 25.54
C PRO B 172 10.69 3.59 25.22
N ALA B 173 11.95 3.74 24.80
CA ALA B 173 12.52 5.04 24.47
C ALA B 173 12.08 5.54 23.08
N VAL B 174 11.80 6.84 22.95
CA VAL B 174 11.57 7.51 21.67
C VAL B 174 12.90 7.87 21.01
N LEU B 175 13.16 7.37 19.80
CA LEU B 175 14.18 7.93 18.92
C LEU B 175 13.65 9.26 18.35
N GLN B 176 14.22 10.38 18.79
CA GLN B 176 13.76 11.71 18.36
C GLN B 176 14.26 12.05 16.94
N SER B 177 13.68 13.09 16.33
CA SER B 177 14.12 13.57 15.01
C SER B 177 15.61 13.98 14.98
N SER B 178 16.13 14.44 16.13
CA SER B 178 17.54 14.82 16.33
C SER B 178 18.52 13.64 16.47
N GLY B 179 18.07 12.39 16.37
CA GLY B 179 18.91 11.19 16.38
C GLY B 179 19.29 10.64 17.77
N LEU B 180 19.05 11.39 18.84
CA LEU B 180 19.16 10.94 20.22
C LEU B 180 17.85 10.32 20.73
N TYR B 181 17.95 9.42 21.70
CA TYR B 181 16.81 8.80 22.37
C TYR B 181 16.32 9.58 23.58
N SER B 182 15.08 9.36 24.00
CA SER B 182 14.48 9.93 25.21
C SER B 182 13.57 8.92 25.92
N LEU B 183 13.54 8.88 27.25
CA LEU B 183 12.90 7.81 28.02
C LEU B 183 12.19 8.30 29.30
N SER B 184 11.02 7.75 29.61
CA SER B 184 10.37 7.93 30.92
C SER B 184 10.35 6.65 31.75
N SER B 185 10.72 6.77 33.02
CA SER B 185 10.46 5.76 34.03
C SER B 185 9.46 6.31 35.04
N VAL B 186 8.53 5.48 35.47
CA VAL B 186 7.49 5.80 36.44
C VAL B 186 7.46 4.68 37.46
N VAL B 187 7.12 4.97 38.70
CA VAL B 187 6.82 3.96 39.70
C VAL B 187 5.53 4.34 40.39
N THR B 188 4.66 3.36 40.61
CA THR B 188 3.43 3.55 41.38
C THR B 188 3.66 2.97 42.75
N VAL B 189 3.42 3.75 43.80
CA VAL B 189 3.79 3.40 45.20
C VAL B 189 2.59 3.47 46.15
N PRO B 190 2.57 2.66 47.23
CA PRO B 190 1.61 2.83 48.32
C PRO B 190 1.73 4.24 48.89
N SER B 191 0.66 5.03 48.79
CA SER B 191 0.77 6.48 48.70
C SER B 191 1.26 7.16 49.98
N SER B 192 2.39 7.86 49.91
CA SER B 192 2.94 8.73 50.96
C SER B 192 3.98 9.71 50.37
N SER B 193 4.28 10.79 51.09
CA SER B 193 5.35 11.73 50.73
C SER B 193 6.76 11.23 51.15
N LEU B 194 6.90 10.64 52.34
CA LEU B 194 8.16 10.11 52.89
C LEU B 194 8.09 8.65 53.40
N GLY B 195 6.92 8.00 53.34
CA GLY B 195 6.73 6.64 53.88
C GLY B 195 7.32 5.51 53.05
N THR B 196 7.67 5.76 51.78
CA THR B 196 8.52 4.88 50.96
C THR B 196 9.95 4.83 51.53
N GLN B 197 10.74 3.81 51.15
CA GLN B 197 12.08 3.57 51.71
C GLN B 197 12.99 4.80 51.58
N THR B 198 12.93 5.42 50.40
CA THR B 198 13.40 6.76 50.05
C THR B 198 12.60 7.20 48.81
N TYR B 199 13.09 8.15 48.03
CA TYR B 199 12.32 8.84 46.98
C TYR B 199 13.26 9.36 45.89
N ILE B 200 14.00 8.45 45.25
CA ILE B 200 15.06 8.76 44.27
C ILE B 200 14.87 7.95 42.98
N CYS B 201 15.23 8.58 41.86
CA CYS B 201 15.30 8.04 40.49
C CYS B 201 16.78 7.89 40.09
N ASN B 202 17.16 6.70 39.59
CA ASN B 202 18.54 6.22 39.62
C ASN B 202 18.99 5.59 38.29
N VAL B 203 19.79 6.34 37.52
CA VAL B 203 20.14 6.06 36.12
C VAL B 203 21.57 5.59 35.96
N ASN B 204 21.81 4.56 35.15
CA ASN B 204 23.14 4.16 34.68
C ASN B 204 23.16 3.96 33.15
N HIS B 205 24.21 4.43 32.47
CA HIS B 205 24.35 4.43 31.00
C HIS B 205 25.75 3.97 30.53
N LYS B 206 25.98 2.65 30.46
CA LYS B 206 27.29 2.05 30.12
C LYS B 206 27.93 2.49 28.79
N PRO B 207 27.20 2.93 27.74
CA PRO B 207 27.84 3.46 26.53
C PRO B 207 28.67 4.75 26.77
N SER B 208 28.42 5.49 27.86
CA SER B 208 29.21 6.63 28.31
C SER B 208 29.75 6.50 29.76
N ASN B 209 29.30 5.47 30.49
CA ASN B 209 29.39 5.31 31.95
C ASN B 209 28.75 6.45 32.79
N THR B 210 27.91 7.28 32.19
CA THR B 210 27.21 8.36 32.90
C THR B 210 26.16 7.79 33.85
N LYS B 211 26.10 8.31 35.08
CA LYS B 211 25.28 7.77 36.16
C LYS B 211 24.76 8.90 37.01
N VAL B 212 23.43 9.08 37.04
CA VAL B 212 22.75 10.14 37.78
C VAL B 212 21.80 9.52 38.79
N ASP B 213 22.02 9.79 40.07
CA ASP B 213 21.14 9.39 41.16
C ASP B 213 20.56 10.65 41.79
N LYS B 214 19.23 10.80 41.77
CA LYS B 214 18.57 12.08 42.08
C LYS B 214 17.25 11.88 42.82
N ARG B 215 16.82 12.85 43.63
CA ARG B 215 15.50 12.91 44.29
C ARG B 215 14.35 13.22 43.34
N VAL B 216 13.18 12.67 43.64
CA VAL B 216 11.88 12.99 43.03
C VAL B 216 10.88 13.23 44.15
N GLU B 217 10.20 14.38 44.19
CA GLU B 217 9.33 14.77 45.32
C GLU B 217 8.27 15.81 44.86
N PRO B 218 7.15 16.02 45.58
CA PRO B 218 6.22 17.12 45.30
C PRO B 218 6.89 18.50 45.25
N LYS B 219 6.30 19.43 44.49
CA LYS B 219 6.88 20.74 44.15
C LYS B 219 7.18 21.61 45.38
N ASN C 1 -0.03 10.37 -7.95
CA ASN C 1 -1.44 10.75 -8.25
C ASN C 1 -2.44 9.74 -7.70
N PHE C 2 -2.60 8.55 -8.29
CA PHE C 2 -3.48 7.49 -7.77
C PHE C 2 -3.02 6.97 -6.41
N MET C 3 -3.94 6.80 -5.46
CA MET C 3 -3.64 6.32 -4.10
C MET C 3 -4.65 5.30 -3.59
N LEU C 4 -4.14 4.28 -2.89
CA LEU C 4 -4.91 3.28 -2.16
C LEU C 4 -4.90 3.61 -0.66
N THR C 5 -6.04 3.56 0.02
CA THR C 5 -6.10 3.77 1.48
C THR C 5 -6.78 2.61 2.20
N GLN C 6 -6.26 2.24 3.37
CA GLN C 6 -6.74 1.15 4.24
C GLN C 6 -6.95 1.66 5.67
N PRO C 7 -7.83 1.06 6.50
CA PRO C 7 -7.89 1.36 7.92
C PRO C 7 -6.58 1.00 8.63
N HIS C 8 -6.17 1.76 9.64
CA HIS C 8 -4.91 1.54 10.35
C HIS C 8 -4.87 0.20 11.09
N SER C 9 -5.98 -0.19 11.73
CA SER C 9 -6.10 -1.45 12.45
C SER C 9 -7.51 -2.02 12.37
N VAL C 10 -7.59 -3.35 12.49
CA VAL C 10 -8.81 -4.17 12.49
C VAL C 10 -8.65 -5.25 13.56
N SER C 11 -9.74 -5.67 14.20
CA SER C 11 -9.68 -6.78 15.16
C SER C 11 -10.97 -7.57 15.26
N ALA C 12 -10.87 -8.87 15.48
CA ALA C 12 -11.97 -9.74 15.88
C ALA C 12 -11.45 -10.96 16.65
N SER C 13 -12.32 -11.59 17.43
CA SER C 13 -12.01 -12.79 18.19
C SER C 13 -11.84 -14.01 17.27
N PRO C 14 -11.08 -15.04 17.68
CA PRO C 14 -10.87 -16.22 16.86
C PRO C 14 -12.19 -16.89 16.49
N GLY C 15 -12.23 -17.51 15.31
CA GLY C 15 -13.41 -18.16 14.75
C GLY C 15 -14.39 -17.24 14.02
N LYS C 16 -14.28 -15.92 14.17
CA LYS C 16 -15.09 -14.93 13.43
C LYS C 16 -14.49 -14.65 12.04
N THR C 17 -15.13 -13.77 11.28
CA THR C 17 -14.70 -13.31 9.96
C THR C 17 -14.48 -11.80 9.96
N VAL C 18 -13.40 -11.32 9.34
CA VAL C 18 -13.10 -9.89 9.17
C VAL C 18 -12.93 -9.55 7.70
N THR C 19 -13.34 -8.35 7.32
CA THR C 19 -13.07 -7.76 6.02
C THR C 19 -12.18 -6.54 6.18
N ILE C 20 -11.06 -6.49 5.46
CA ILE C 20 -10.18 -5.32 5.39
C ILE C 20 -10.46 -4.60 4.06
N PRO C 21 -10.93 -3.34 4.07
CA PRO C 21 -11.13 -2.56 2.85
C PRO C 21 -9.83 -1.98 2.28
N CYS C 22 -9.84 -1.65 1.00
CA CYS C 22 -8.77 -0.92 0.32
C CYS C 22 -9.40 -0.05 -0.76
N THR C 23 -9.47 1.26 -0.53
CA THR C 23 -10.23 2.19 -1.37
C THR C 23 -9.31 2.97 -2.30
N GLY C 24 -9.62 3.01 -3.59
CA GLY C 24 -8.87 3.80 -4.57
C GLY C 24 -9.30 5.26 -4.59
N SER C 25 -8.39 6.15 -4.98
CA SER C 25 -8.65 7.58 -5.10
C SER C 25 -7.77 8.20 -6.18
N SER C 26 -8.26 9.24 -6.85
CA SER C 26 -7.62 9.87 -8.02
C SER C 26 -7.41 8.91 -9.21
N GLY C 27 -8.28 7.92 -9.32
CA GLY C 27 -8.28 6.87 -10.35
C GLY C 27 -9.21 5.72 -9.95
N ASN C 28 -9.45 4.76 -10.85
CA ASN C 28 -10.38 3.66 -10.60
C ASN C 28 -9.64 2.34 -10.34
N ILE C 29 -9.89 1.73 -9.18
CA ILE C 29 -9.16 0.55 -8.70
C ILE C 29 -9.40 -0.68 -9.58
N ALA C 30 -10.56 -0.77 -10.24
CA ALA C 30 -10.90 -1.93 -11.06
C ALA C 30 -10.11 -2.02 -12.37
N SER C 31 -9.41 -0.96 -12.78
CA SER C 31 -8.70 -0.88 -14.06
C SER C 31 -7.50 -1.82 -14.18
N ASN C 32 -6.87 -2.21 -13.08
CA ASN C 32 -5.72 -3.11 -13.03
C ASN C 32 -5.88 -4.09 -11.87
N TYR C 33 -5.11 -5.16 -11.83
CA TYR C 33 -5.20 -6.15 -10.76
C TYR C 33 -4.79 -5.59 -9.38
N VAL C 34 -5.40 -6.13 -8.33
CA VAL C 34 -5.04 -5.88 -6.94
C VAL C 34 -4.43 -7.13 -6.30
N GLN C 35 -3.28 -6.99 -5.66
CA GLN C 35 -2.67 -7.99 -4.81
C GLN C 35 -2.86 -7.65 -3.34
N TRP C 36 -2.81 -8.65 -2.47
CA TRP C 36 -2.70 -8.47 -1.03
C TRP C 36 -1.52 -9.24 -0.49
N TYR C 37 -0.75 -8.63 0.39
CA TYR C 37 0.39 -9.23 1.07
C TYR C 37 0.14 -9.26 2.56
N GLN C 38 0.58 -10.33 3.21
CA GLN C 38 0.68 -10.44 4.65
C GLN C 38 2.13 -10.22 5.04
N GLN C 39 2.41 -9.42 6.07
CA GLN C 39 3.74 -9.30 6.64
C GLN C 39 3.72 -9.58 8.13
N ARG C 40 4.35 -10.68 8.53
CA ARG C 40 4.54 -11.05 9.93
C ARG C 40 5.78 -10.33 10.48
N PRO C 41 5.80 -9.86 11.73
CA PRO C 41 6.84 -8.94 12.21
C PRO C 41 8.27 -9.46 12.03
N GLY C 42 9.17 -8.59 11.57
CA GLY C 42 10.58 -8.92 11.37
C GLY C 42 10.87 -9.85 10.18
N SER C 43 10.00 -9.89 9.17
CA SER C 43 10.19 -10.71 7.97
C SER C 43 9.65 -10.02 6.71
N ALA C 44 10.07 -10.46 5.53
CA ALA C 44 9.58 -9.91 4.26
C ALA C 44 8.09 -10.27 4.04
N PRO C 45 7.31 -9.45 3.34
CA PRO C 45 5.93 -9.78 3.00
C PRO C 45 5.78 -11.04 2.15
N THR C 46 4.61 -11.66 2.15
CA THR C 46 4.23 -12.75 1.26
C THR C 46 2.83 -12.54 0.71
N THR C 47 2.61 -12.77 -0.59
CA THR C 47 1.28 -12.59 -1.19
C THR C 47 0.30 -13.63 -0.65
N VAL C 48 -0.91 -13.19 -0.29
CA VAL C 48 -2.05 -14.04 0.06
C VAL C 48 -3.15 -14.01 -0.99
N ILE C 49 -3.24 -12.93 -1.78
CA ILE C 49 -4.08 -12.83 -2.98
C ILE C 49 -3.23 -12.19 -4.07
N TYR C 50 -3.26 -12.70 -5.30
CA TYR C 50 -2.25 -12.39 -6.33
C TYR C 50 -2.81 -11.80 -7.62
N GLU C 51 -4.10 -11.95 -7.86
CA GLU C 51 -4.96 -11.17 -8.76
C GLU C 51 -6.29 -11.06 -8.02
N ASP C 52 -7.20 -10.16 -8.37
CA ASP C 52 -8.28 -9.71 -7.46
C ASP C 52 -8.98 -10.80 -6.62
N ASN C 53 -9.26 -11.96 -7.21
CA ASN C 53 -9.92 -13.12 -6.58
C ASN C 53 -8.97 -14.28 -6.22
N GLN C 54 -7.75 -14.30 -6.74
CA GLN C 54 -6.93 -15.50 -6.89
C GLN C 54 -5.94 -15.67 -5.75
N ARG C 55 -5.87 -16.88 -5.21
CA ARG C 55 -5.10 -17.23 -4.01
C ARG C 55 -3.91 -18.13 -4.38
N PRO C 56 -2.67 -17.83 -3.94
CA PRO C 56 -1.51 -18.65 -4.24
C PRO C 56 -1.60 -20.08 -3.70
N SER C 57 -0.81 -20.99 -4.28
CA SER C 57 -0.68 -22.35 -3.74
C SER C 57 -0.05 -22.32 -2.34
N GLY C 58 -0.62 -23.09 -1.41
CA GLY C 58 -0.19 -23.13 0.00
C GLY C 58 -0.82 -22.06 0.91
N VAL C 59 -1.72 -21.22 0.40
CA VAL C 59 -2.46 -20.23 1.22
C VAL C 59 -3.85 -20.78 1.55
N PRO C 60 -4.32 -20.71 2.81
CA PRO C 60 -5.60 -21.29 3.21
C PRO C 60 -6.81 -20.70 2.51
N ASP C 61 -7.80 -21.53 2.18
CA ASP C 61 -9.07 -21.11 1.56
C ASP C 61 -9.94 -20.20 2.45
N ARG C 62 -9.50 -19.94 3.68
CA ARG C 62 -10.04 -18.95 4.59
C ARG C 62 -9.86 -17.51 4.12
N PHE C 63 -8.83 -17.24 3.30
CA PHE C 63 -8.55 -15.94 2.68
C PHE C 63 -9.26 -15.81 1.34
N SER C 64 -10.07 -14.78 1.15
CA SER C 64 -10.71 -14.49 -0.14
C SER C 64 -10.70 -13.00 -0.47
N GLY C 65 -10.45 -12.65 -1.73
CA GLY C 65 -10.44 -11.27 -2.22
C GLY C 65 -11.70 -10.92 -2.99
N SER C 66 -12.06 -9.63 -3.02
CA SER C 66 -13.16 -9.10 -3.83
C SER C 66 -12.82 -7.72 -4.36
N ILE C 67 -13.57 -7.25 -5.36
CA ILE C 67 -13.45 -5.91 -5.90
C ILE C 67 -14.81 -5.34 -6.30
N ASP C 68 -14.96 -4.03 -6.24
CA ASP C 68 -16.23 -3.33 -6.43
C ASP C 68 -16.00 -2.01 -7.19
N SER C 69 -16.30 -2.04 -8.49
CA SER C 69 -16.18 -0.90 -9.40
C SER C 69 -17.23 0.20 -9.19
N SER C 70 -18.20 0.01 -8.29
CA SER C 70 -19.15 1.05 -7.87
C SER C 70 -18.65 1.82 -6.66
N SER C 71 -18.08 1.13 -5.68
CA SER C 71 -17.48 1.73 -4.47
C SER C 71 -16.05 2.23 -4.67
N ASN C 72 -15.43 1.93 -5.81
CA ASN C 72 -14.00 2.12 -6.06
C ASN C 72 -13.14 1.46 -4.97
N SER C 73 -13.46 0.22 -4.62
CA SER C 73 -12.87 -0.48 -3.48
C SER C 73 -12.53 -1.93 -3.81
N ALA C 74 -11.40 -2.42 -3.32
CA ALA C 74 -11.13 -3.83 -3.13
C ALA C 74 -11.38 -4.22 -1.67
N SER C 75 -11.43 -5.50 -1.34
CA SER C 75 -11.38 -5.95 0.04
C SER C 75 -10.82 -7.36 0.18
N LEU C 76 -10.19 -7.63 1.33
CA LEU C 76 -9.71 -8.95 1.73
C LEU C 76 -10.59 -9.45 2.86
N THR C 77 -11.14 -10.65 2.73
CA THR C 77 -11.87 -11.31 3.80
C THR C 77 -11.03 -12.43 4.36
N ILE C 78 -10.85 -12.48 5.68
CA ILE C 78 -10.27 -13.63 6.37
C ILE C 78 -11.39 -14.24 7.20
N SER C 79 -11.72 -15.49 6.95
CA SER C 79 -12.91 -16.15 7.50
C SER C 79 -12.54 -17.34 8.37
N GLY C 80 -13.10 -17.40 9.58
CA GLY C 80 -12.63 -18.36 10.58
C GLY C 80 -11.22 -18.02 11.05
N LEU C 81 -11.07 -16.88 11.71
CA LEU C 81 -9.78 -16.40 12.23
C LEU C 81 -9.07 -17.44 13.13
N LYS C 82 -7.76 -17.54 12.97
CA LYS C 82 -6.85 -18.19 13.92
C LYS C 82 -5.90 -17.15 14.50
N THR C 83 -5.34 -17.40 15.69
CA THR C 83 -4.36 -16.48 16.30
C THR C 83 -3.09 -16.28 15.46
N GLU C 84 -2.78 -17.17 14.51
CA GLU C 84 -1.68 -16.99 13.55
C GLU C 84 -1.95 -15.96 12.43
N ASP C 85 -3.19 -15.52 12.23
CA ASP C 85 -3.54 -14.51 11.21
C ASP C 85 -3.15 -13.09 11.60
N GLU C 86 -2.79 -12.86 12.85
CA GLU C 86 -2.33 -11.58 13.37
C GLU C 86 -1.03 -11.15 12.69
N ALA C 87 -1.09 -10.11 11.85
CA ALA C 87 -0.03 -9.61 10.97
C ALA C 87 -0.42 -8.25 10.39
N ASP C 88 0.48 -7.57 9.68
CA ASP C 88 0.09 -6.48 8.78
C ASP C 88 -0.43 -7.02 7.46
N TYR C 89 -1.43 -6.36 6.88
CA TYR C 89 -1.92 -6.65 5.53
C TYR C 89 -1.82 -5.41 4.65
N TYR C 90 -1.20 -5.53 3.49
CA TYR C 90 -1.03 -4.45 2.51
C TYR C 90 -1.73 -4.80 1.19
N CYS C 91 -2.60 -3.94 0.67
CA CYS C 91 -3.04 -4.05 -0.71
C CYS C 91 -2.05 -3.35 -1.64
N GLN C 92 -2.01 -3.75 -2.91
CA GLN C 92 -1.10 -3.18 -3.91
C GLN C 92 -1.71 -3.22 -5.30
N SER C 93 -1.38 -2.28 -6.17
CA SER C 93 -1.79 -2.29 -7.57
C SER C 93 -0.76 -1.58 -8.45
N TYR C 94 -1.01 -1.55 -9.75
CA TYR C 94 -0.25 -0.80 -10.75
C TYR C 94 -1.08 0.40 -11.20
N ASP C 95 -0.51 1.59 -11.30
CA ASP C 95 -1.08 2.63 -12.16
C ASP C 95 0.00 3.52 -12.76
N ASN C 96 -0.19 3.97 -14.00
CA ASN C 96 0.66 4.98 -14.65
C ASN C 96 2.17 4.69 -14.53
N ASN C 97 2.56 3.43 -14.68
CA ASN C 97 3.94 2.95 -14.56
C ASN C 97 4.58 3.08 -13.17
N ILE C 98 3.77 3.13 -12.11
CA ILE C 98 4.18 3.12 -10.71
C ILE C 98 3.49 1.96 -9.99
N GLN C 99 4.21 1.23 -9.14
CA GLN C 99 3.62 0.27 -8.20
C GLN C 99 3.16 1.00 -6.94
N VAL C 100 1.87 0.96 -6.61
CA VAL C 100 1.32 1.65 -5.45
C VAL C 100 0.92 0.66 -4.38
N PHE C 101 1.33 0.89 -3.13
CA PHE C 101 0.91 0.12 -1.96
C PHE C 101 -0.07 0.93 -1.12
N GLY C 102 -1.09 0.27 -0.57
CA GLY C 102 -1.90 0.85 0.50
C GLY C 102 -1.10 1.02 1.79
N GLY C 103 -1.58 1.84 2.71
CA GLY C 103 -0.84 2.20 3.93
C GLY C 103 -0.64 1.07 4.94
N GLY C 104 -1.27 -0.08 4.74
CA GLY C 104 -1.21 -1.25 5.63
C GLY C 104 -2.22 -1.20 6.76
N THR C 105 -2.76 -2.36 7.12
CA THR C 105 -3.68 -2.58 8.25
C THR C 105 -3.08 -3.59 9.22
N LYS C 106 -2.96 -3.26 10.50
CA LYS C 106 -2.67 -4.25 11.54
C LYS C 106 -3.91 -5.06 11.86
N LEU C 107 -3.89 -6.37 11.68
CA LEU C 107 -4.96 -7.24 12.19
C LEU C 107 -4.50 -7.83 13.52
N THR C 108 -5.30 -7.67 14.57
CA THR C 108 -5.08 -8.38 15.83
C THR C 108 -6.20 -9.37 16.08
N VAL C 109 -5.86 -10.60 16.44
CA VAL C 109 -6.85 -11.65 16.68
C VAL C 109 -7.07 -11.72 18.18
N LEU C 110 -8.27 -11.34 18.61
CA LEU C 110 -8.57 -10.76 19.92
C LEU C 110 -8.54 -11.79 21.07
N GLY C 111 -7.34 -12.18 21.49
CA GLY C 111 -7.06 -13.22 22.48
C GLY C 111 -7.14 -12.81 23.96
N GLN C 112 -7.73 -11.65 24.26
CA GLN C 112 -7.87 -11.05 25.60
C GLN C 112 -9.03 -10.06 25.58
N PRO C 113 -9.66 -9.70 26.72
CA PRO C 113 -10.67 -8.64 26.74
C PRO C 113 -10.11 -7.28 26.33
N LYS C 114 -10.88 -6.51 25.55
CA LYS C 114 -10.56 -5.10 25.22
C LYS C 114 -10.37 -4.28 26.50
N ALA C 115 -9.37 -3.41 26.51
CA ALA C 115 -9.06 -2.58 27.65
C ALA C 115 -8.64 -1.19 27.19
N ALA C 116 -9.18 -0.16 27.81
CA ALA C 116 -8.86 1.22 27.48
C ALA C 116 -7.43 1.57 27.94
N PRO C 117 -6.72 2.45 27.22
CA PRO C 117 -5.44 2.97 27.68
C PRO C 117 -5.56 3.64 29.03
N SER C 118 -4.83 3.14 30.02
CA SER C 118 -4.53 3.95 31.21
C SER C 118 -3.55 5.03 30.76
N VAL C 119 -3.78 6.31 31.13
CA VAL C 119 -2.95 7.43 30.66
C VAL C 119 -2.46 8.27 31.83
N THR C 120 -1.21 8.73 31.77
CA THR C 120 -0.58 9.64 32.75
C THR C 120 0.06 10.83 32.04
N LEU C 121 -0.08 12.04 32.56
CA LEU C 121 0.53 13.25 32.03
C LEU C 121 1.24 14.03 33.14
N PHE C 122 2.44 14.54 32.85
CA PHE C 122 3.22 15.37 33.76
C PHE C 122 3.57 16.75 33.15
N PRO C 123 3.72 17.81 33.99
CA PRO C 123 4.20 19.12 33.56
C PRO C 123 5.67 19.06 33.10
N PRO C 124 6.20 20.10 32.44
CA PRO C 124 7.64 20.22 32.23
C PRO C 124 8.37 20.36 33.56
N SER C 125 9.53 19.73 33.67
CA SER C 125 10.26 19.67 34.94
C SER C 125 10.92 21.03 35.23
N SER C 126 10.98 21.47 36.50
CA SER C 126 11.63 22.75 36.86
C SER C 126 13.09 22.81 36.41
N GLU C 127 13.80 21.69 36.45
CA GLU C 127 15.16 21.54 35.96
C GLU C 127 15.29 21.72 34.43
N GLU C 128 14.18 21.71 33.67
CA GLU C 128 14.15 22.20 32.29
C GLU C 128 13.78 23.70 32.22
N LEU C 129 12.84 24.16 33.06
CA LEU C 129 12.44 25.57 33.10
C LEU C 129 13.63 26.48 33.46
N GLN C 130 14.48 26.01 34.38
CA GLN C 130 15.86 26.47 34.57
C GLN C 130 16.70 26.07 33.33
N ALA C 131 17.35 27.03 32.68
CA ALA C 131 18.02 26.84 31.38
C ALA C 131 17.07 26.52 30.20
N ASN C 132 15.94 27.23 30.13
CA ASN C 132 15.22 27.57 28.89
C ASN C 132 14.57 26.41 28.08
N LYS C 133 14.17 25.30 28.71
CA LYS C 133 13.57 24.13 28.05
C LYS C 133 12.29 23.65 28.77
N ALA C 134 11.53 22.76 28.14
CA ALA C 134 10.34 22.16 28.72
C ALA C 134 9.86 20.95 27.90
N THR C 135 9.55 19.84 28.57
CA THR C 135 8.99 18.63 27.99
C THR C 135 7.73 18.22 28.74
N LEU C 136 6.57 18.29 28.11
CA LEU C 136 5.37 17.66 28.64
C LEU C 136 5.40 16.19 28.24
N VAL C 137 5.14 15.33 29.22
CA VAL C 137 5.32 13.86 29.12
C VAL C 137 3.96 13.18 29.19
N CYS C 138 3.47 12.61 28.10
CA CYS C 138 2.22 11.85 28.08
C CYS C 138 2.51 10.36 27.86
N LEU C 139 2.03 9.53 28.76
CA LEU C 139 2.37 8.12 28.85
C LEU C 139 1.09 7.29 28.79
N ILE C 140 1.13 6.17 28.08
CA ILE C 140 -0.05 5.39 27.74
C ILE C 140 0.24 3.92 28.01
N SER C 141 -0.60 3.20 28.74
CA SER C 141 -0.28 1.85 29.22
C SER C 141 -1.51 0.96 29.39
N ASP C 142 -1.33 -0.35 29.36
CA ASP C 142 -2.37 -1.34 29.60
C ASP C 142 -3.57 -1.24 28.64
N PHE C 143 -3.38 -0.73 27.42
CA PHE C 143 -4.42 -0.85 26.40
C PHE C 143 -4.36 -2.20 25.71
N TYR C 144 -5.50 -2.67 25.22
CA TYR C 144 -5.57 -3.79 24.29
C TYR C 144 -6.75 -3.58 23.34
N PRO C 145 -6.61 -3.85 22.02
CA PRO C 145 -5.40 -4.18 21.26
C PRO C 145 -4.35 -3.07 21.22
N GLY C 146 -3.16 -3.34 20.71
CA GLY C 146 -2.06 -2.37 20.63
C GLY C 146 -2.22 -1.32 19.52
N ALA C 147 -3.18 -0.38 19.66
CA ALA C 147 -3.65 0.43 18.53
C ALA C 147 -3.96 1.91 18.84
N VAL C 148 -3.44 2.49 19.93
CA VAL C 148 -3.66 3.90 20.29
C VAL C 148 -3.12 4.90 19.25
N THR C 149 -3.67 6.11 19.31
CA THR C 149 -3.18 7.32 18.63
C THR C 149 -3.30 8.52 19.59
N VAL C 150 -2.47 9.55 19.45
CA VAL C 150 -2.30 10.63 20.45
C VAL C 150 -2.37 12.03 19.82
N ALA C 151 -2.92 13.00 20.55
CA ALA C 151 -3.00 14.41 20.19
C ALA C 151 -2.86 15.32 21.44
N TRP C 152 -2.53 16.59 21.24
CA TRP C 152 -2.27 17.57 22.31
C TRP C 152 -3.02 18.88 22.07
N LYS C 153 -3.66 19.45 23.10
CA LYS C 153 -4.67 20.51 22.96
C LYS C 153 -4.42 21.80 23.76
N ALA C 154 -3.24 21.97 24.37
CA ALA C 154 -2.92 23.14 25.21
C ALA C 154 -4.05 23.43 26.23
N ASP C 155 -4.40 24.70 26.44
CA ASP C 155 -5.62 25.08 27.16
C ASP C 155 -6.83 25.06 26.21
N SER C 156 -6.67 25.51 24.96
CA SER C 156 -7.72 25.52 23.93
C SER C 156 -7.18 25.63 22.49
N SER C 157 -6.13 24.89 22.12
CA SER C 157 -5.56 24.89 20.76
C SER C 157 -4.70 23.65 20.46
N PRO C 158 -4.83 23.00 19.28
CA PRO C 158 -3.96 21.89 18.90
C PRO C 158 -2.51 22.37 18.70
N VAL C 159 -1.55 21.77 19.41
CA VAL C 159 -0.15 22.24 19.41
C VAL C 159 0.64 21.68 18.21
N LYS C 160 0.62 20.36 18.05
CA LYS C 160 1.08 19.61 16.84
C LYS C 160 2.52 19.88 16.34
N ALA C 161 3.44 20.35 17.18
CA ALA C 161 4.85 20.55 16.84
C ALA C 161 5.81 20.14 17.97
N GLY C 162 6.90 19.44 17.66
CA GLY C 162 7.85 18.89 18.64
C GLY C 162 7.21 17.83 19.55
N VAL C 163 6.45 16.91 18.93
CA VAL C 163 5.43 16.02 19.53
C VAL C 163 5.76 14.52 19.30
N GLU C 164 7.03 14.18 19.16
CA GLU C 164 7.50 12.82 18.85
C GLU C 164 7.00 11.73 19.83
N THR C 165 6.64 10.57 19.26
CA THR C 165 5.78 9.55 19.88
C THR C 165 6.22 8.13 19.50
N THR C 166 6.26 7.17 20.42
CA THR C 166 6.62 5.77 20.11
C THR C 166 5.54 5.10 19.26
N THR C 167 5.92 4.05 18.52
CA THR C 167 4.96 3.01 18.14
C THR C 167 4.51 2.24 19.40
N PRO C 168 3.29 1.68 19.48
CA PRO C 168 2.88 0.83 20.60
C PRO C 168 3.74 -0.41 20.74
N SER C 169 3.99 -0.87 21.97
CA SER C 169 4.85 -2.02 22.26
C SER C 169 4.31 -2.85 23.41
N LYS C 170 4.63 -4.15 23.45
CA LYS C 170 4.17 -5.09 24.48
C LYS C 170 4.65 -4.72 25.87
N GLN C 171 3.96 -5.23 26.87
CA GLN C 171 4.12 -4.90 28.28
C GLN C 171 4.10 -6.19 29.12
N SER C 172 4.66 -6.18 30.33
CA SER C 172 4.40 -7.25 31.30
C SER C 172 2.93 -7.19 31.72
N ASN C 173 2.25 -8.35 31.76
CA ASN C 173 0.79 -8.56 31.62
C ASN C 173 0.27 -8.71 30.17
N ASN C 174 1.15 -8.70 29.17
CA ASN C 174 0.85 -8.96 27.75
C ASN C 174 -0.04 -7.92 27.03
N LYS C 175 -0.48 -6.85 27.71
CA LYS C 175 -1.09 -5.65 27.09
C LYS C 175 -0.02 -4.75 26.46
N TYR C 176 -0.37 -3.53 26.06
CA TYR C 176 0.51 -2.60 25.35
C TYR C 176 0.72 -1.26 26.06
N ALA C 177 1.87 -0.64 25.79
CA ALA C 177 2.20 0.72 26.21
C ALA C 177 2.81 1.56 25.07
N ALA C 178 2.79 2.88 25.21
CA ALA C 178 3.34 3.87 24.30
C ALA C 178 3.64 5.18 25.05
N SER C 179 4.42 6.09 24.46
CA SER C 179 4.64 7.42 25.05
C SER C 179 4.82 8.51 24.01
N SER C 180 4.49 9.74 24.40
CA SER C 180 4.54 10.94 23.58
C SER C 180 5.16 12.09 24.36
N TYR C 181 6.02 12.86 23.70
CA TYR C 181 6.72 13.99 24.31
C TYR C 181 6.44 15.27 23.55
N LEU C 182 5.95 16.30 24.24
CA LEU C 182 5.65 17.62 23.68
C LEU C 182 6.69 18.64 24.17
N SER C 183 7.28 19.39 23.25
CA SER C 183 8.48 20.22 23.47
C SER C 183 8.18 21.72 23.45
N LEU C 184 8.64 22.48 24.46
CA LEU C 184 8.37 23.91 24.66
C LEU C 184 9.61 24.65 25.21
N THR C 185 9.57 25.99 25.19
CA THR C 185 10.31 26.84 26.15
C THR C 185 9.49 27.08 27.43
N PRO C 186 10.10 27.46 28.57
CA PRO C 186 9.35 27.85 29.77
C PRO C 186 8.37 29.00 29.52
N GLU C 187 8.70 29.93 28.64
CA GLU C 187 7.77 31.00 28.25
C GLU C 187 6.55 30.45 27.51
N GLN C 188 6.72 29.54 26.54
CA GLN C 188 5.61 28.91 25.83
C GLN C 188 4.75 28.04 26.76
N TRP C 189 5.34 27.46 27.80
CA TRP C 189 4.62 26.80 28.89
C TRP C 189 3.77 27.80 29.69
N LYS C 190 4.31 28.96 30.07
CA LYS C 190 3.55 30.05 30.72
C LYS C 190 2.49 30.71 29.82
N SER C 191 2.68 30.72 28.49
CA SER C 191 1.75 31.36 27.53
C SER C 191 0.33 30.79 27.51
N HIS C 192 0.13 29.57 28.03
CA HIS C 192 -1.17 28.90 28.08
C HIS C 192 -1.54 28.54 29.52
N ARG C 193 -2.84 28.62 29.85
CA ARG C 193 -3.34 28.42 31.23
C ARG C 193 -3.16 26.99 31.74
N SER C 194 -3.15 26.02 30.83
CA SER C 194 -3.04 24.58 31.07
C SER C 194 -2.59 23.88 29.77
N TYR C 195 -2.25 22.59 29.85
CA TYR C 195 -1.99 21.73 28.72
C TYR C 195 -2.63 20.35 28.93
N SER C 196 -3.14 19.75 27.85
CA SER C 196 -3.83 18.45 27.91
C SER C 196 -3.39 17.49 26.80
N CYS C 197 -3.33 16.19 27.13
CA CYS C 197 -3.04 15.09 26.22
C CYS C 197 -4.32 14.27 25.99
N GLN C 198 -4.70 14.10 24.73
CA GLN C 198 -5.78 13.21 24.30
C GLN C 198 -5.24 11.94 23.66
N VAL C 199 -5.76 10.80 24.09
CA VAL C 199 -5.43 9.48 23.54
C VAL C 199 -6.70 8.84 23.01
N THR C 200 -6.70 8.30 21.80
CA THR C 200 -7.89 7.64 21.22
C THR C 200 -7.54 6.28 20.62
N HIS C 201 -8.41 5.31 20.88
CA HIS C 201 -8.13 3.87 20.84
C HIS C 201 -9.39 3.10 20.41
N GLU C 202 -9.41 2.63 19.16
CA GLU C 202 -10.51 1.84 18.59
C GLU C 202 -11.89 2.45 18.90
N GLY C 203 -12.04 3.74 18.57
CA GLY C 203 -13.22 4.57 18.83
C GLY C 203 -13.25 5.26 20.20
N SER C 204 -12.79 4.60 21.27
CA SER C 204 -12.77 5.16 22.63
C SER C 204 -11.77 6.33 22.77
N THR C 205 -11.96 7.23 23.74
CA THR C 205 -11.07 8.39 23.96
C THR C 205 -10.82 8.68 25.45
N VAL C 206 -9.59 9.08 25.77
CA VAL C 206 -9.14 9.53 27.10
C VAL C 206 -8.54 10.94 26.98
N GLU C 207 -8.74 11.76 28.01
CA GLU C 207 -8.26 13.14 28.12
C GLU C 207 -7.63 13.35 29.52
N LYS C 208 -6.48 14.04 29.61
CA LYS C 208 -5.78 14.32 30.88
C LYS C 208 -5.08 15.69 30.81
N THR C 209 -4.95 16.40 31.93
CA THR C 209 -4.55 17.82 31.97
C THR C 209 -3.57 18.16 33.11
N VAL C 210 -2.66 19.10 32.86
CA VAL C 210 -1.74 19.73 33.84
C VAL C 210 -1.70 21.24 33.61
N ALA C 211 -1.18 22.03 34.56
CA ALA C 211 -1.09 23.48 34.43
C ALA C 211 0.11 24.12 35.16
N PRO C 212 0.67 25.24 34.64
CA PRO C 212 1.64 26.06 35.36
C PRO C 212 1.04 26.69 36.62
C1 NAG D . 16.08 -20.54 -38.37
C2 NAG D . 16.43 -20.81 -39.85
C3 NAG D . 17.94 -20.75 -40.07
C4 NAG D . 18.51 -19.41 -39.58
C5 NAG D . 18.13 -19.19 -38.10
C6 NAG D . 18.61 -17.87 -37.50
C7 NAG D . 14.70 -22.30 -40.77
C8 NAG D . 14.35 -23.72 -41.18
N2 NAG D . 15.92 -22.12 -40.27
O3 NAG D . 18.23 -20.93 -41.48
O4 NAG D . 19.95 -19.45 -39.69
O5 NAG D . 16.66 -19.26 -37.98
O6 NAG D . 18.07 -16.75 -38.24
O7 NAG D . 13.91 -21.36 -40.86
C1 NAG E . 1.86 -0.64 -31.97
C2 NAG E . 2.48 -1.99 -31.57
C3 NAG E . 3.66 -1.78 -30.61
C4 NAG E . 4.67 -0.77 -31.16
C5 NAG E . 3.97 0.56 -31.47
C6 NAG E . 4.89 1.65 -32.05
C7 NAG E . 1.25 -4.11 -31.23
C8 NAG E . 0.18 -4.83 -30.41
N2 NAG E . 1.48 -2.83 -30.91
O3 NAG E . 4.36 -3.03 -30.36
O4 NAG E . 5.69 -0.57 -30.16
O5 NAG E . 2.87 0.29 -32.43
O6 NAG E . 5.43 1.23 -33.33
O7 NAG E . 1.86 -4.67 -32.12
#